data_2A51
#
_entry.id   2A51
#
loop_
_entity.id
_entity.type
_entity.pdbx_description
1 polymer 'nucleocapsid protein'
2 non-polymer 'ZINC ION'
#
_entity_poly.entity_id   1
_entity_poly.type   'polypeptide(L)'
_entity_poly.pdbx_seq_one_letter_code
;LTCFNCGKPGHTARMCRQPRQEGCWNCGSKEHRFAQCPK
;
_entity_poly.pdbx_strand_id   A
#
loop_
_chem_comp.id
_chem_comp.type
_chem_comp.name
_chem_comp.formula
ZN non-polymer 'ZINC ION' 'Zn 2'
#
# COMPACT_ATOMS: atom_id res chain seq x y z
N LEU A 1 11.35 3.77 -2.31
CA LEU A 1 10.93 3.99 -0.92
C LEU A 1 9.46 4.38 -0.85
N THR A 2 8.57 3.42 -0.55
CA THR A 2 7.16 3.69 -0.37
C THR A 2 6.54 2.70 0.60
N CYS A 3 5.56 3.19 1.36
CA CYS A 3 4.87 2.45 2.39
C CYS A 3 3.96 1.39 1.80
N PHE A 4 4.19 0.13 2.18
CA PHE A 4 3.46 -1.03 1.71
C PHE A 4 2.23 -1.31 2.59
N ASN A 5 1.63 -0.25 3.15
CA ASN A 5 0.52 -0.31 4.09
C ASN A 5 -0.48 0.80 3.76
N CYS A 6 -0.12 2.06 4.04
CA CYS A 6 -0.95 3.22 3.82
C CYS A 6 -0.79 3.75 2.39
N GLY A 7 0.32 3.42 1.71
CA GLY A 7 0.55 3.77 0.32
C GLY A 7 1.13 5.16 0.11
N LYS A 8 1.73 5.76 1.14
CA LYS A 8 2.36 7.06 1.06
C LYS A 8 3.88 6.86 0.85
N PRO A 9 4.50 7.65 -0.03
CA PRO A 9 5.93 7.58 -0.26
C PRO A 9 6.71 8.24 0.87
N GLY A 10 8.03 8.08 0.84
CA GLY A 10 8.95 8.73 1.77
C GLY A 10 9.17 7.91 3.04
N HIS A 11 8.56 6.73 3.15
CA HIS A 11 8.76 5.80 4.24
C HIS A 11 8.40 4.40 3.81
N THR A 12 8.39 3.52 4.81
CA THR A 12 8.12 2.09 4.67
C THR A 12 7.07 1.67 5.70
N ALA A 13 6.31 0.61 5.40
CA ALA A 13 5.32 0.05 6.31
C ALA A 13 5.90 -0.32 7.68
N ARG A 14 7.18 -0.68 7.70
CA ARG A 14 7.94 -0.96 8.91
C ARG A 14 7.83 0.20 9.88
N MET A 15 8.01 1.40 9.34
CA MET A 15 8.04 2.66 10.06
C MET A 15 6.63 3.18 10.33
N CYS A 16 5.68 2.88 9.43
CA CYS A 16 4.33 3.40 9.46
C CYS A 16 3.53 2.87 10.65
N ARG A 17 2.96 3.81 11.41
CA ARG A 17 2.06 3.54 12.52
C ARG A 17 0.63 3.32 12.03
N GLN A 18 0.27 3.95 10.91
CA GLN A 18 -1.07 3.92 10.33
C GLN A 18 -1.49 2.49 10.00
N PRO A 19 -2.80 2.24 9.93
CA PRO A 19 -3.39 0.97 9.55
C PRO A 19 -3.41 0.87 8.03
N ARG A 20 -3.63 -0.34 7.51
CA ARG A 20 -3.62 -0.60 6.08
C ARG A 20 -4.75 0.12 5.35
N GLN A 21 -4.54 0.27 4.04
CA GLN A 21 -5.52 0.82 3.12
C GLN A 21 -6.53 -0.27 2.79
N GLU A 22 -7.66 0.12 2.22
CA GLU A 22 -8.75 -0.70 1.77
C GLU A 22 -8.26 -1.76 0.79
N GLY A 23 -7.63 -1.29 -0.29
CA GLY A 23 -7.18 -2.12 -1.40
C GLY A 23 -5.91 -1.54 -2.01
N CYS A 24 -5.79 -1.65 -3.33
CA CYS A 24 -4.60 -1.25 -4.06
C CYS A 24 -4.45 0.24 -3.98
N TRP A 25 -3.54 0.68 -3.13
CA TRP A 25 -3.18 2.08 -3.05
C TRP A 25 -2.33 2.42 -4.27
N ASN A 26 -1.71 1.38 -4.85
CA ASN A 26 -0.79 1.45 -5.97
C ASN A 26 -1.55 1.71 -7.25
N CYS A 27 -2.59 0.90 -7.51
CA CYS A 27 -3.33 0.97 -8.75
C CYS A 27 -4.75 1.48 -8.51
N GLY A 28 -5.33 1.24 -7.32
CA GLY A 28 -6.63 1.84 -7.01
C GLY A 28 -7.80 0.86 -6.91
N SER A 29 -7.62 -0.42 -7.28
CA SER A 29 -8.65 -1.41 -7.09
C SER A 29 -8.95 -1.54 -5.61
N LYS A 30 -10.21 -1.78 -5.30
CA LYS A 30 -10.70 -1.95 -3.95
C LYS A 30 -10.75 -3.46 -3.62
N GLU A 31 -11.07 -4.27 -4.63
CA GLU A 31 -11.24 -5.70 -4.51
C GLU A 31 -9.92 -6.34 -4.08
N HIS A 32 -8.84 -5.93 -4.75
CA HIS A 32 -7.49 -6.36 -4.43
C HIS A 32 -6.67 -5.24 -3.79
N ARG A 33 -5.55 -5.67 -3.21
CA ARG A 33 -4.56 -4.89 -2.49
C ARG A 33 -3.29 -4.68 -3.33
N PHE A 34 -2.39 -3.82 -2.86
CA PHE A 34 -1.13 -3.56 -3.53
C PHE A 34 -0.32 -4.84 -3.66
N ALA A 35 -0.21 -5.59 -2.56
CA ALA A 35 0.50 -6.86 -2.51
C ALA A 35 -0.08 -7.88 -3.49
N GLN A 36 -1.39 -7.79 -3.76
CA GLN A 36 -2.12 -8.66 -4.67
C GLN A 36 -1.89 -8.25 -6.13
N CYS A 37 -1.88 -6.94 -6.38
CA CYS A 37 -1.80 -6.37 -7.71
C CYS A 37 -0.53 -6.81 -8.46
N PRO A 38 -0.64 -7.14 -9.75
CA PRO A 38 0.52 -7.45 -10.60
C PRO A 38 1.55 -6.32 -10.59
N LYS A 39 1.05 -5.08 -10.58
CA LYS A 39 1.85 -3.85 -10.48
C LYS A 39 2.35 -3.72 -9.04
ZN ZN B . 2.62 4.52 5.70
ZN ZN C . -3.81 -2.96 -8.32
N LEU A 1 11.72 2.65 -2.63
CA LEU A 1 11.37 3.27 -1.35
C LEU A 1 9.89 3.69 -1.36
N THR A 2 9.00 2.75 -1.09
CA THR A 2 7.57 3.02 -1.00
C THR A 2 6.89 2.11 0.02
N CYS A 3 5.95 2.70 0.76
CA CYS A 3 5.25 2.04 1.84
C CYS A 3 4.26 1.01 1.31
N PHE A 4 4.49 -0.26 1.62
CA PHE A 4 3.73 -1.37 1.15
C PHE A 4 2.32 -1.48 1.76
N ASN A 5 2.02 -0.73 2.83
CA ASN A 5 0.70 -0.71 3.44
C ASN A 5 -0.11 0.52 3.03
N CYS A 6 0.35 1.73 3.36
CA CYS A 6 -0.39 2.96 3.12
C CYS A 6 -0.14 3.52 1.73
N GLY A 7 0.89 3.05 1.02
CA GLY A 7 1.17 3.41 -0.36
C GLY A 7 1.86 4.75 -0.55
N LYS A 8 2.34 5.40 0.52
CA LYS A 8 3.00 6.67 0.41
C LYS A 8 4.49 6.43 0.14
N PRO A 9 5.07 7.08 -0.87
CA PRO A 9 6.51 6.99 -1.10
C PRO A 9 7.27 7.77 -0.03
N GLY A 10 8.58 7.55 0.03
CA GLY A 10 9.46 8.23 0.97
C GLY A 10 9.75 7.39 2.22
N HIS A 11 9.05 6.26 2.39
CA HIS A 11 9.31 5.33 3.48
C HIS A 11 8.93 3.92 3.04
N THR A 12 9.02 3.03 4.01
CA THR A 12 8.68 1.62 3.91
C THR A 12 7.62 1.29 4.97
N ALA A 13 6.88 0.21 4.71
CA ALA A 13 5.91 -0.30 5.67
C ALA A 13 6.55 -0.67 7.00
N ARG A 14 7.82 -1.07 6.95
CA ARG A 14 8.64 -1.37 8.13
C ARG A 14 8.55 -0.22 9.14
N MET A 15 8.71 0.99 8.60
CA MET A 15 8.75 2.24 9.35
C MET A 15 7.35 2.77 9.66
N CYS A 16 6.38 2.48 8.79
CA CYS A 16 5.03 3.02 8.88
C CYS A 16 4.20 2.33 9.96
N ARG A 17 3.58 3.14 10.81
CA ARG A 17 2.66 2.74 11.85
C ARG A 17 1.21 2.70 11.34
N GLN A 18 0.91 3.49 10.30
CA GLN A 18 -0.41 3.66 9.74
C GLN A 18 -1.06 2.34 9.31
N PRO A 19 -2.39 2.33 9.22
CA PRO A 19 -3.15 1.21 8.69
C PRO A 19 -2.77 0.99 7.23
N ARG A 20 -3.15 -0.15 6.67
CA ARG A 20 -2.92 -0.45 5.28
C ARG A 20 -4.06 0.12 4.42
N GLN A 21 -3.89 0.05 3.10
CA GLN A 21 -4.91 0.43 2.13
C GLN A 21 -5.93 -0.71 2.04
N GLU A 22 -7.15 -0.36 1.65
CA GLU A 22 -8.26 -1.29 1.43
C GLU A 22 -7.85 -2.40 0.48
N GLY A 23 -7.37 -2.02 -0.71
CA GLY A 23 -6.86 -2.90 -1.73
C GLY A 23 -5.51 -2.42 -2.24
N CYS A 24 -5.40 -2.26 -3.56
CA CYS A 24 -4.17 -1.91 -4.27
C CYS A 24 -3.96 -0.41 -4.27
N TRP A 25 -2.99 0.06 -3.47
CA TRP A 25 -2.57 1.45 -3.43
C TRP A 25 -1.72 1.81 -4.65
N ASN A 26 -1.07 0.82 -5.27
CA ASN A 26 -0.12 1.01 -6.35
C ASN A 26 -0.81 1.33 -7.67
N CYS A 27 -1.87 0.57 -8.00
CA CYS A 27 -2.64 0.73 -9.22
C CYS A 27 -4.02 1.36 -8.97
N GLY A 28 -4.50 1.34 -7.72
CA GLY A 28 -5.75 2.02 -7.35
C GLY A 28 -6.99 1.14 -7.56
N SER A 29 -6.81 -0.18 -7.44
CA SER A 29 -7.88 -1.17 -7.49
C SER A 29 -8.25 -1.56 -6.06
N LYS A 30 -9.47 -2.07 -5.88
CA LYS A 30 -10.02 -2.45 -4.59
C LYS A 30 -10.21 -3.96 -4.45
N GLU A 31 -10.31 -4.69 -5.57
CA GLU A 31 -10.57 -6.12 -5.57
C GLU A 31 -9.38 -6.87 -4.97
N HIS A 32 -8.20 -6.52 -5.48
CA HIS A 32 -6.90 -7.07 -5.09
C HIS A 32 -6.04 -6.01 -4.42
N ARG A 33 -4.87 -6.45 -3.95
CA ARG A 33 -3.90 -5.66 -3.22
C ARG A 33 -2.59 -5.54 -3.98
N PHE A 34 -1.75 -4.59 -3.56
CA PHE A 34 -0.47 -4.29 -4.19
C PHE A 34 0.39 -5.55 -4.36
N ALA A 35 0.44 -6.41 -3.32
CA ALA A 35 1.18 -7.67 -3.35
C ALA A 35 0.74 -8.58 -4.50
N GLN A 36 -0.58 -8.61 -4.77
CA GLN A 36 -1.20 -9.42 -5.81
C GLN A 36 -0.99 -8.81 -7.20
N CYS A 37 -1.01 -7.48 -7.28
CA CYS A 37 -0.94 -6.72 -8.52
C CYS A 37 0.30 -7.07 -9.35
N PRO A 38 0.19 -7.14 -10.69
CA PRO A 38 1.33 -7.34 -11.56
C PRO A 38 2.22 -6.09 -11.52
N LYS A 39 1.59 -4.92 -11.41
CA LYS A 39 2.24 -3.63 -11.25
C LYS A 39 3.04 -3.62 -9.95
ZN ZN B . 3.16 4.20 5.15
ZN ZN C . -3.23 -3.34 -8.56
N LEU A 1 11.12 5.04 -2.03
CA LEU A 1 10.41 4.27 -0.98
C LEU A 1 8.93 4.62 -0.92
N THR A 2 8.07 3.62 -0.67
CA THR A 2 6.64 3.84 -0.51
C THR A 2 6.05 2.83 0.46
N CYS A 3 5.08 3.30 1.25
CA CYS A 3 4.47 2.53 2.30
C CYS A 3 3.49 1.51 1.75
N PHE A 4 3.78 0.22 1.95
CA PHE A 4 2.99 -0.89 1.52
C PHE A 4 1.66 -1.03 2.28
N ASN A 5 1.54 -0.39 3.45
CA ASN A 5 0.40 -0.48 4.35
C ASN A 5 -0.67 0.52 3.94
N CYS A 6 -0.32 1.81 4.02
CA CYS A 6 -1.22 2.92 3.78
C CYS A 6 -1.06 3.56 2.39
N GLY A 7 0.02 3.25 1.66
CA GLY A 7 0.20 3.71 0.28
C GLY A 7 0.67 5.16 0.16
N LYS A 8 1.30 5.72 1.19
CA LYS A 8 1.82 7.05 1.21
C LYS A 8 3.33 6.99 0.96
N PRO A 9 3.82 7.57 -0.16
CA PRO A 9 5.25 7.66 -0.43
C PRO A 9 6.01 8.42 0.65
N GLY A 10 7.33 8.22 0.70
CA GLY A 10 8.22 8.95 1.60
C GLY A 10 8.54 8.16 2.86
N HIS A 11 7.87 7.03 3.11
CA HIS A 11 8.16 6.14 4.21
C HIS A 11 7.79 4.72 3.82
N THR A 12 8.02 3.79 4.75
CA THR A 12 7.83 2.35 4.55
C THR A 12 6.89 1.81 5.62
N ALA A 13 6.17 0.74 5.30
CA ALA A 13 5.22 0.10 6.19
C ALA A 13 5.84 -0.33 7.52
N ARG A 14 7.13 -0.63 7.50
CA ARG A 14 7.91 -0.98 8.68
C ARG A 14 7.85 0.14 9.71
N MET A 15 7.99 1.36 9.22
CA MET A 15 7.95 2.58 10.01
C MET A 15 6.52 2.95 10.38
N CYS A 16 5.61 2.77 9.43
CA CYS A 16 4.21 3.16 9.52
C CYS A 16 3.48 2.54 10.70
N ARG A 17 2.79 3.41 11.45
CA ARG A 17 1.93 3.06 12.58
C ARG A 17 0.46 2.99 12.14
N GLN A 18 0.10 3.77 11.11
CA GLN A 18 -1.25 3.94 10.57
C GLN A 18 -1.88 2.59 10.21
N PRO A 19 -3.21 2.50 10.17
CA PRO A 19 -3.92 1.31 9.73
C PRO A 19 -3.77 1.15 8.22
N ARG A 20 -4.05 -0.06 7.72
CA ARG A 20 -3.86 -0.39 6.32
C ARG A 20 -4.95 0.17 5.41
N GLN A 21 -4.71 0.02 4.12
CA GLN A 21 -5.49 0.41 2.99
C GLN A 21 -6.86 -0.27 2.94
N GLU A 22 -7.75 0.29 2.11
CA GLU A 22 -9.06 -0.27 1.83
C GLU A 22 -8.88 -1.40 0.81
N GLY A 23 -8.32 -1.02 -0.33
CA GLY A 23 -7.96 -1.90 -1.43
C GLY A 23 -6.60 -1.46 -1.98
N CYS A 24 -6.41 -1.57 -3.30
CA CYS A 24 -5.15 -1.29 -3.96
C CYS A 24 -4.91 0.22 -4.00
N TRP A 25 -4.00 0.69 -3.14
CA TRP A 25 -3.60 2.09 -3.10
C TRP A 25 -2.77 2.46 -4.32
N ASN A 26 -2.03 1.49 -4.85
CA ASN A 26 -1.09 1.65 -5.94
C ASN A 26 -1.85 1.90 -7.23
N CYS A 27 -2.64 0.89 -7.59
CA CYS A 27 -3.38 0.86 -8.85
C CYS A 27 -4.78 1.45 -8.73
N GLY A 28 -5.29 1.65 -7.51
CA GLY A 28 -6.56 2.33 -7.27
C GLY A 28 -7.77 1.40 -7.14
N SER A 29 -7.57 0.07 -7.21
CA SER A 29 -8.63 -0.90 -7.06
C SER A 29 -9.16 -0.91 -5.61
N LYS A 30 -10.32 -1.55 -5.46
CA LYS A 30 -11.08 -1.71 -4.25
C LYS A 30 -11.19 -3.20 -3.92
N GLU A 31 -11.31 -4.02 -4.95
CA GLU A 31 -11.55 -5.44 -4.93
C GLU A 31 -10.36 -6.20 -4.34
N HIS A 32 -9.16 -5.82 -4.75
CA HIS A 32 -7.91 -6.38 -4.26
C HIS A 32 -7.03 -5.29 -3.66
N ARG A 33 -5.87 -5.70 -3.14
CA ARG A 33 -4.91 -4.88 -2.42
C ARG A 33 -3.57 -4.82 -3.15
N PHE A 34 -2.73 -3.85 -2.78
CA PHE A 34 -1.42 -3.65 -3.41
C PHE A 34 -0.59 -4.94 -3.33
N ALA A 35 -0.60 -5.58 -2.15
CA ALA A 35 0.06 -6.86 -1.93
C ALA A 35 -0.32 -7.92 -2.97
N GLN A 36 -1.61 -7.97 -3.32
CA GLN A 36 -2.17 -8.88 -4.31
C GLN A 36 -1.79 -8.46 -5.74
N CYS A 37 -1.82 -7.15 -5.99
CA CYS A 37 -1.60 -6.56 -7.31
C CYS A 37 -0.17 -6.80 -7.77
N PRO A 38 0.04 -7.21 -9.04
CA PRO A 38 1.38 -7.34 -9.63
C PRO A 38 2.18 -6.05 -9.52
N LYS A 39 1.49 -4.91 -9.68
CA LYS A 39 2.05 -3.57 -9.55
C LYS A 39 2.08 -3.16 -8.07
ZN ZN B . 2.29 4.33 5.82
ZN ZN C . -3.98 -3.18 -7.98
N LEU A 1 12.05 3.01 -3.09
CA LEU A 1 11.67 3.23 -1.67
C LEU A 1 10.21 3.64 -1.57
N THR A 2 9.32 2.70 -1.25
CA THR A 2 7.91 2.98 -1.06
C THR A 2 7.28 2.03 -0.04
N CYS A 3 6.34 2.59 0.73
CA CYS A 3 5.65 1.90 1.80
C CYS A 3 4.67 0.86 1.26
N PHE A 4 4.89 -0.40 1.62
CA PHE A 4 4.13 -1.56 1.24
C PHE A 4 2.89 -1.76 2.14
N ASN A 5 2.35 -0.66 2.67
CA ASN A 5 1.24 -0.63 3.61
C ASN A 5 0.29 0.49 3.22
N CYS A 6 0.70 1.74 3.46
CA CYS A 6 -0.08 2.93 3.19
C CYS A 6 0.13 3.43 1.75
N GLY A 7 1.23 3.03 1.10
CA GLY A 7 1.48 3.36 -0.29
C GLY A 7 2.09 4.75 -0.50
N LYS A 8 2.62 5.38 0.54
CA LYS A 8 3.28 6.66 0.46
C LYS A 8 4.78 6.45 0.26
N PRO A 9 5.38 6.96 -0.83
CA PRO A 9 6.82 6.90 -1.06
C PRO A 9 7.62 7.59 0.05
N GLY A 10 8.95 7.37 0.03
CA GLY A 10 9.88 8.03 0.93
C GLY A 10 10.12 7.24 2.22
N HIS A 11 9.44 6.10 2.39
CA HIS A 11 9.65 5.20 3.51
C HIS A 11 9.23 3.80 3.14
N THR A 12 9.20 2.95 4.16
CA THR A 12 8.91 1.52 4.08
C THR A 12 7.87 1.15 5.14
N ALA A 13 7.07 0.12 4.87
CA ALA A 13 6.06 -0.36 5.80
C ALA A 13 6.63 -0.76 7.15
N ARG A 14 7.90 -1.19 7.15
CA ARG A 14 8.64 -1.52 8.35
C ARG A 14 8.67 -0.34 9.32
N MET A 15 8.93 0.84 8.76
CA MET A 15 9.01 2.09 9.47
C MET A 15 7.63 2.66 9.78
N CYS A 16 6.70 2.46 8.84
CA CYS A 16 5.36 3.02 8.88
C CYS A 16 4.56 2.56 10.11
N ARG A 17 3.75 3.49 10.61
CA ARG A 17 2.81 3.33 11.72
C ARG A 17 1.35 3.37 11.21
N GLN A 18 1.13 4.09 10.10
CA GLN A 18 -0.19 4.34 9.52
C GLN A 18 -0.93 3.03 9.18
N PRO A 19 -2.26 3.10 9.07
CA PRO A 19 -3.12 2.01 8.64
C PRO A 19 -2.73 1.51 7.24
N ARG A 20 -3.09 0.27 6.93
CA ARG A 20 -2.87 -0.31 5.61
C ARG A 20 -3.97 0.13 4.64
N GLN A 21 -3.84 -0.33 3.40
CA GLN A 21 -4.83 -0.14 2.34
C GLN A 21 -5.54 -1.47 2.13
N GLU A 22 -6.86 -1.39 1.93
CA GLU A 22 -7.75 -2.50 1.76
C GLU A 22 -7.62 -3.09 0.37
N GLY A 23 -7.63 -2.20 -0.64
CA GLY A 23 -7.42 -2.54 -2.03
C GLY A 23 -5.93 -2.53 -2.36
N CYS A 24 -5.63 -2.11 -3.59
CA CYS A 24 -4.29 -1.94 -4.12
C CYS A 24 -3.93 -0.46 -4.05
N TRP A 25 -2.93 -0.11 -3.25
CA TRP A 25 -2.50 1.28 -3.09
C TRP A 25 -1.69 1.76 -4.30
N ASN A 26 -1.04 0.83 -5.00
CA ASN A 26 -0.13 1.16 -6.09
C ASN A 26 -0.91 1.57 -7.33
N CYS A 27 -1.85 0.72 -7.76
CA CYS A 27 -2.63 0.93 -8.96
C CYS A 27 -4.04 1.48 -8.67
N GLY A 28 -4.51 1.38 -7.42
CA GLY A 28 -5.78 1.99 -7.02
C GLY A 28 -7.00 1.09 -7.24
N SER A 29 -6.81 -0.22 -7.39
CA SER A 29 -7.90 -1.18 -7.50
C SER A 29 -8.44 -1.50 -6.10
N LYS A 30 -9.56 -2.23 -6.08
CA LYS A 30 -10.28 -2.72 -4.92
C LYS A 30 -10.27 -4.25 -4.86
N GLU A 31 -10.14 -4.87 -6.04
CA GLU A 31 -10.19 -6.26 -6.33
C GLU A 31 -9.09 -7.03 -5.61
N HIS A 32 -7.87 -6.50 -5.73
CA HIS A 32 -6.65 -7.11 -5.23
C HIS A 32 -5.80 -6.09 -4.49
N ARG A 33 -4.63 -6.53 -4.03
CA ARG A 33 -3.71 -5.78 -3.20
C ARG A 33 -2.39 -5.53 -3.94
N PHE A 34 -1.57 -4.63 -3.41
CA PHE A 34 -0.30 -4.25 -4.05
C PHE A 34 0.60 -5.48 -4.27
N ALA A 35 0.66 -6.38 -3.28
CA ALA A 35 1.43 -7.62 -3.39
C ALA A 35 0.97 -8.46 -4.59
N GLN A 36 -0.34 -8.59 -4.76
CA GLN A 36 -0.99 -9.35 -5.81
C GLN A 36 -0.88 -8.67 -7.18
N CYS A 37 -0.80 -7.33 -7.20
CA CYS A 37 -0.80 -6.54 -8.42
C CYS A 37 0.35 -6.90 -9.36
N PRO A 38 0.10 -7.02 -10.67
CA PRO A 38 1.15 -7.24 -11.65
C PRO A 38 2.01 -5.99 -11.81
N LYS A 39 1.37 -4.82 -11.68
CA LYS A 39 2.01 -3.51 -11.71
C LYS A 39 2.61 -3.18 -10.34
ZN ZN B . 3.55 4.10 5.12
ZN ZN C . -3.05 -3.18 -8.42
N LEU A 1 11.37 3.83 -2.73
CA LEU A 1 10.98 4.03 -1.33
C LEU A 1 9.49 4.39 -1.23
N THR A 2 8.64 3.38 -0.97
CA THR A 2 7.21 3.60 -0.80
C THR A 2 6.60 2.57 0.15
N CYS A 3 5.62 3.03 0.91
CA CYS A 3 4.93 2.25 1.92
C CYS A 3 4.06 1.19 1.27
N PHE A 4 4.26 -0.07 1.68
CA PHE A 4 3.54 -1.24 1.19
C PHE A 4 2.33 -1.53 2.08
N ASN A 5 1.71 -0.50 2.67
CA ASN A 5 0.61 -0.62 3.63
C ASN A 5 -0.42 0.47 3.35
N CYS A 6 -0.08 1.74 3.66
CA CYS A 6 -0.95 2.87 3.43
C CYS A 6 -0.79 3.42 2.00
N GLY A 7 0.37 3.16 1.38
CA GLY A 7 0.64 3.50 -0.01
C GLY A 7 1.39 4.82 -0.21
N LYS A 8 1.81 5.49 0.86
CA LYS A 8 2.42 6.79 0.78
C LYS A 8 3.91 6.64 0.44
N PRO A 9 4.44 7.39 -0.53
CA PRO A 9 5.86 7.38 -0.82
C PRO A 9 6.62 8.12 0.27
N GLY A 10 7.94 7.90 0.33
CA GLY A 10 8.83 8.57 1.26
C GLY A 10 9.11 7.76 2.52
N HIS A 11 8.42 6.63 2.71
CA HIS A 11 8.65 5.71 3.80
C HIS A 11 8.36 4.29 3.36
N THR A 12 8.36 3.40 4.35
CA THR A 12 8.21 1.96 4.18
C THR A 12 7.19 1.43 5.19
N ALA A 13 6.47 0.36 4.83
CA ALA A 13 5.49 -0.28 5.70
C ALA A 13 6.10 -0.74 7.03
N ARG A 14 7.39 -1.09 7.01
CA ARG A 14 8.15 -1.47 8.18
C ARG A 14 8.09 -0.37 9.24
N MET A 15 8.26 0.86 8.78
CA MET A 15 8.25 2.06 9.59
C MET A 15 6.82 2.49 9.92
N CYS A 16 5.93 2.32 8.95
CA CYS A 16 4.54 2.77 9.03
C CYS A 16 3.76 2.12 10.16
N ARG A 17 3.24 2.96 11.06
CA ARG A 17 2.37 2.56 12.16
C ARG A 17 0.90 2.55 11.71
N GLN A 18 0.57 3.38 10.70
CA GLN A 18 -0.77 3.60 10.19
C GLN A 18 -1.43 2.31 9.71
N PRO A 19 -2.77 2.24 9.75
CA PRO A 19 -3.54 1.13 9.21
C PRO A 19 -3.25 0.97 7.70
N ARG A 20 -3.66 -0.16 7.12
CA ARG A 20 -3.55 -0.38 5.69
C ARG A 20 -4.52 0.50 4.91
N GLN A 21 -4.41 0.40 3.58
CA GLN A 21 -5.27 1.04 2.60
C GLN A 21 -6.37 0.07 2.21
N GLU A 22 -7.49 0.59 1.71
CA GLU A 22 -8.68 -0.17 1.37
C GLU A 22 -8.37 -1.44 0.56
N GLY A 23 -7.66 -1.26 -0.56
CA GLY A 23 -7.26 -2.33 -1.45
C GLY A 23 -5.90 -2.03 -2.06
N CYS A 24 -5.82 -2.06 -3.39
CA CYS A 24 -4.60 -1.78 -4.15
C CYS A 24 -4.37 -0.28 -4.15
N TRP A 25 -3.44 0.16 -3.31
CA TRP A 25 -3.04 1.55 -3.20
C TRP A 25 -2.25 2.00 -4.44
N ASN A 26 -1.56 1.05 -5.06
CA ASN A 26 -0.66 1.28 -6.18
C ASN A 26 -1.46 1.55 -7.45
N CYS A 27 -2.34 0.61 -7.82
CA CYS A 27 -3.11 0.65 -9.05
C CYS A 27 -4.51 1.23 -8.84
N GLY A 28 -4.97 1.33 -7.59
CA GLY A 28 -6.25 1.95 -7.25
C GLY A 28 -7.43 0.99 -7.12
N SER A 29 -7.21 -0.32 -7.31
CA SER A 29 -8.26 -1.31 -7.18
C SER A 29 -8.72 -1.45 -5.73
N LYS A 30 -9.93 -1.98 -5.58
CA LYS A 30 -10.56 -2.32 -4.33
C LYS A 30 -10.75 -3.83 -4.21
N GLU A 31 -10.68 -4.56 -5.34
CA GLU A 31 -10.90 -5.96 -5.47
C GLU A 31 -9.75 -6.76 -4.85
N HIS A 32 -8.52 -6.33 -5.15
CA HIS A 32 -7.28 -6.92 -4.67
C HIS A 32 -6.40 -5.85 -4.03
N ARG A 33 -5.22 -6.28 -3.57
CA ARG A 33 -4.24 -5.48 -2.85
C ARG A 33 -2.96 -5.33 -3.64
N PHE A 34 -2.14 -4.33 -3.30
CA PHE A 34 -0.83 -4.13 -3.91
C PHE A 34 0.02 -5.41 -3.87
N ALA A 35 -0.05 -6.17 -2.77
CA ALA A 35 0.62 -7.45 -2.62
C ALA A 35 0.24 -8.43 -3.74
N GLN A 36 -1.05 -8.48 -4.08
CA GLN A 36 -1.61 -9.33 -5.12
C GLN A 36 -1.24 -8.81 -6.52
N CYS A 37 -1.29 -7.48 -6.69
CA CYS A 37 -1.08 -6.81 -7.96
C CYS A 37 0.36 -7.01 -8.45
N PRO A 38 0.57 -7.22 -9.76
CA PRO A 38 1.91 -7.29 -10.34
C PRO A 38 2.64 -5.97 -10.21
N LYS A 39 1.89 -4.87 -10.33
CA LYS A 39 2.39 -3.52 -10.14
C LYS A 39 2.49 -3.18 -8.66
ZN ZN B . 2.64 4.09 5.36
ZN ZN C . -3.58 -3.44 -8.33
N LEU A 1 11.03 3.76 -2.90
CA LEU A 1 10.70 3.97 -1.48
C LEU A 1 9.21 4.30 -1.32
N THR A 2 8.39 3.30 -0.97
CA THR A 2 6.97 3.52 -0.74
C THR A 2 6.41 2.49 0.25
N CYS A 3 5.43 2.94 1.02
CA CYS A 3 4.81 2.20 2.09
C CYS A 3 3.89 1.11 1.54
N PHE A 4 4.22 -0.15 1.84
CA PHE A 4 3.50 -1.33 1.47
C PHE A 4 2.37 -1.64 2.45
N ASN A 5 1.80 -0.60 3.08
CA ASN A 5 0.75 -0.69 4.09
C ASN A 5 -0.32 0.36 3.80
N CYS A 6 0.00 1.66 3.93
CA CYS A 6 -0.92 2.76 3.70
C CYS A 6 -0.80 3.30 2.26
N GLY A 7 0.31 3.03 1.57
CA GLY A 7 0.50 3.39 0.17
C GLY A 7 1.12 4.76 -0.08
N LYS A 8 1.58 5.46 0.97
CA LYS A 8 2.17 6.76 0.85
C LYS A 8 3.67 6.60 0.56
N PRO A 9 4.21 7.36 -0.40
CA PRO A 9 5.63 7.31 -0.72
C PRO A 9 6.46 8.03 0.34
N GLY A 10 7.78 7.85 0.27
CA GLY A 10 8.74 8.54 1.11
C GLY A 10 9.02 7.80 2.42
N HIS A 11 8.39 6.64 2.64
CA HIS A 11 8.66 5.79 3.78
C HIS A 11 8.28 4.36 3.43
N THR A 12 8.47 3.45 4.40
CA THR A 12 8.24 2.03 4.25
C THR A 12 7.25 1.58 5.32
N ALA A 13 6.52 0.49 5.05
CA ALA A 13 5.55 -0.05 5.98
C ALA A 13 6.16 -0.42 7.33
N ARG A 14 7.45 -0.77 7.32
CA ARG A 14 8.21 -1.06 8.52
C ARG A 14 8.20 0.12 9.47
N MET A 15 8.41 1.30 8.90
CA MET A 15 8.46 2.57 9.59
C MET A 15 7.07 3.05 9.97
N CYS A 16 6.10 2.84 9.06
CA CYS A 16 4.74 3.33 9.18
C CYS A 16 3.99 2.68 10.35
N ARG A 17 3.20 3.52 11.02
CA ARG A 17 2.28 3.18 12.10
C ARG A 17 0.82 3.22 11.64
N GLN A 18 0.54 4.03 10.61
CA GLN A 18 -0.80 4.31 10.09
C GLN A 18 -1.55 3.02 9.73
N PRO A 19 -2.90 3.04 9.81
CA PRO A 19 -3.75 1.95 9.37
C PRO A 19 -3.46 1.56 7.92
N ARG A 20 -3.78 0.31 7.56
CA ARG A 20 -3.50 -0.23 6.24
C ARG A 20 -4.54 0.18 5.21
N GLN A 21 -4.31 -0.27 3.98
CA GLN A 21 -5.04 -0.05 2.77
C GLN A 21 -6.35 -0.81 2.73
N GLU A 22 -7.28 -0.30 1.91
CA GLU A 22 -8.55 -0.87 1.59
C GLU A 22 -8.32 -1.99 0.58
N GLY A 23 -7.64 -1.64 -0.52
CA GLY A 23 -7.22 -2.54 -1.58
C GLY A 23 -5.94 -2.00 -2.20
N CYS A 24 -5.87 -1.96 -3.53
CA CYS A 24 -4.70 -1.56 -4.29
C CYS A 24 -4.58 -0.04 -4.27
N TRP A 25 -3.72 0.45 -3.40
CA TRP A 25 -3.37 1.86 -3.30
C TRP A 25 -2.55 2.31 -4.50
N ASN A 26 -1.79 1.38 -5.07
CA ASN A 26 -0.86 1.61 -6.16
C ASN A 26 -1.63 1.89 -7.44
N CYS A 27 -2.41 0.87 -7.84
CA CYS A 27 -3.15 0.89 -9.09
C CYS A 27 -4.55 1.48 -8.94
N GLY A 28 -5.07 1.59 -7.71
CA GLY A 28 -6.34 2.24 -7.43
C GLY A 28 -7.57 1.33 -7.47
N SER A 29 -7.38 0.01 -7.57
CA SER A 29 -8.47 -0.95 -7.50
C SER A 29 -8.79 -1.23 -6.04
N LYS A 30 -10.08 -1.40 -5.75
CA LYS A 30 -10.59 -1.77 -4.45
C LYS A 30 -10.92 -3.27 -4.39
N GLU A 31 -10.72 -3.99 -5.50
CA GLU A 31 -11.08 -5.39 -5.68
C GLU A 31 -9.99 -6.26 -5.04
N HIS A 32 -8.75 -6.00 -5.42
CA HIS A 32 -7.54 -6.65 -4.93
C HIS A 32 -6.65 -5.62 -4.27
N ARG A 33 -5.49 -6.08 -3.78
CA ARG A 33 -4.52 -5.30 -3.03
C ARG A 33 -3.20 -5.14 -3.78
N PHE A 34 -2.38 -4.18 -3.37
CA PHE A 34 -1.08 -3.94 -3.97
C PHE A 34 -0.21 -5.20 -3.93
N ALA A 35 -0.28 -5.96 -2.83
CA ALA A 35 0.41 -7.25 -2.70
C ALA A 35 0.03 -8.22 -3.82
N GLN A 36 -1.25 -8.23 -4.20
CA GLN A 36 -1.80 -9.06 -5.26
C GLN A 36 -1.36 -8.55 -6.64
N CYS A 37 -1.38 -7.22 -6.81
CA CYS A 37 -1.11 -6.55 -8.07
C CYS A 37 0.35 -6.77 -8.49
N PRO A 38 0.61 -6.96 -9.79
CA PRO A 38 1.98 -7.06 -10.31
C PRO A 38 2.69 -5.72 -10.15
N LYS A 39 1.93 -4.62 -10.30
CA LYS A 39 2.39 -3.27 -10.10
C LYS A 39 2.51 -2.97 -8.60
ZN ZN B . 2.66 4.22 5.51
ZN ZN C . -3.70 -3.19 -8.48
N LEU A 1 11.66 4.71 -1.58
CA LEU A 1 10.85 3.94 -0.61
C LEU A 1 9.38 4.35 -0.65
N THR A 2 8.47 3.38 -0.46
CA THR A 2 7.05 3.66 -0.36
C THR A 2 6.38 2.65 0.58
N CYS A 3 5.35 3.15 1.27
CA CYS A 3 4.64 2.42 2.29
C CYS A 3 3.76 1.33 1.67
N PHE A 4 3.96 0.08 2.10
CA PHE A 4 3.24 -1.09 1.66
C PHE A 4 2.06 -1.38 2.59
N ASN A 5 1.42 -0.31 3.07
CA ASN A 5 0.33 -0.36 4.06
C ASN A 5 -0.68 0.72 3.69
N CYS A 6 -0.36 1.99 3.92
CA CYS A 6 -1.22 3.11 3.62
C CYS A 6 -1.01 3.64 2.20
N GLY A 7 0.17 3.37 1.61
CA GLY A 7 0.47 3.69 0.22
C GLY A 7 1.14 5.05 0.01
N LYS A 8 1.60 5.71 1.07
CA LYS A 8 2.20 7.02 1.02
C LYS A 8 3.71 6.89 0.85
N PRO A 9 4.30 7.45 -0.21
CA PRO A 9 5.75 7.49 -0.41
C PRO A 9 6.47 8.23 0.73
N GLY A 10 7.77 7.98 0.87
CA GLY A 10 8.63 8.68 1.82
C GLY A 10 8.87 7.88 3.10
N HIS A 11 8.11 6.80 3.31
CA HIS A 11 8.31 5.89 4.42
C HIS A 11 7.90 4.48 4.00
N THR A 12 8.03 3.53 4.93
CA THR A 12 7.80 2.11 4.72
C THR A 12 6.75 1.62 5.71
N ALA A 13 6.04 0.55 5.37
CA ALA A 13 5.05 -0.06 6.25
C ALA A 13 5.60 -0.43 7.61
N ARG A 14 6.89 -0.74 7.67
CA ARG A 14 7.62 -1.02 8.90
C ARG A 14 7.50 0.15 9.87
N MET A 15 7.68 1.35 9.32
CA MET A 15 7.63 2.60 10.05
C MET A 15 6.20 3.05 10.32
N CYS A 16 5.32 2.78 9.34
CA CYS A 16 3.93 3.23 9.37
C CYS A 16 3.15 2.76 10.60
N ARG A 17 2.68 3.72 11.39
CA ARG A 17 1.83 3.49 12.54
C ARG A 17 0.37 3.37 12.08
N GLN A 18 0.03 4.00 10.95
CA GLN A 18 -1.28 4.02 10.35
C GLN A 18 -1.72 2.59 9.99
N PRO A 19 -3.04 2.37 9.90
CA PRO A 19 -3.61 1.12 9.47
C PRO A 19 -3.51 1.08 7.94
N ARG A 20 -3.52 -0.12 7.36
CA ARG A 20 -3.35 -0.29 5.92
C ARG A 20 -4.62 0.13 5.18
N GLN A 21 -4.52 0.13 3.85
CA GLN A 21 -5.59 0.46 2.93
C GLN A 21 -6.46 -0.77 2.69
N GLU A 22 -7.75 -0.52 2.58
CA GLU A 22 -8.83 -1.44 2.40
C GLU A 22 -8.72 -2.12 1.04
N GLY A 23 -8.64 -1.31 -0.01
CA GLY A 23 -8.48 -1.75 -1.38
C GLY A 23 -7.01 -1.85 -1.76
N CYS A 24 -6.73 -1.57 -3.04
CA CYS A 24 -5.39 -1.51 -3.61
C CYS A 24 -4.96 -0.05 -3.59
N TRP A 25 -3.97 0.28 -2.76
CA TRP A 25 -3.49 1.64 -2.60
C TRP A 25 -2.70 2.12 -3.81
N ASN A 26 -2.03 1.17 -4.46
CA ASN A 26 -1.10 1.37 -5.53
C ASN A 26 -1.81 1.69 -6.84
N CYS A 27 -2.75 0.81 -7.22
CA CYS A 27 -3.50 0.92 -8.46
C CYS A 27 -4.89 1.54 -8.27
N GLY A 28 -5.39 1.62 -7.03
CA GLY A 28 -6.65 2.28 -6.72
C GLY A 28 -7.89 1.38 -6.77
N SER A 29 -7.72 0.07 -6.92
CA SER A 29 -8.81 -0.91 -6.88
C SER A 29 -9.42 -0.98 -5.49
N LYS A 30 -10.53 -1.71 -5.41
CA LYS A 30 -11.33 -1.97 -4.23
C LYS A 30 -11.38 -3.47 -3.97
N GLU A 31 -11.38 -4.26 -5.04
CA GLU A 31 -11.53 -5.68 -5.10
C GLU A 31 -10.36 -6.40 -4.43
N HIS A 32 -9.14 -5.96 -4.74
CA HIS A 32 -7.90 -6.58 -4.30
C HIS A 32 -6.99 -5.56 -3.61
N ARG A 33 -5.82 -6.04 -3.15
CA ARG A 33 -4.82 -5.28 -2.44
C ARG A 33 -3.50 -5.22 -3.22
N PHE A 34 -2.56 -4.38 -2.78
CA PHE A 34 -1.31 -4.18 -3.49
C PHE A 34 -0.47 -5.46 -3.55
N ALA A 35 -0.52 -6.29 -2.49
CA ALA A 35 0.14 -7.59 -2.47
C ALA A 35 -0.29 -8.47 -3.63
N GLN A 36 -1.59 -8.44 -3.97
CA GLN A 36 -2.18 -9.17 -5.08
C GLN A 36 -1.85 -8.53 -6.42
N CYS A 37 -1.87 -7.20 -6.45
CA CYS A 37 -1.69 -6.41 -7.66
C CYS A 37 -0.31 -6.63 -8.30
N PRO A 38 -0.23 -6.83 -9.63
CA PRO A 38 1.03 -6.92 -10.36
C PRO A 38 1.90 -5.68 -10.15
N LYS A 39 1.26 -4.51 -10.09
CA LYS A 39 1.91 -3.21 -9.93
C LYS A 39 2.03 -2.87 -8.44
ZN ZN B . 2.25 4.39 5.64
ZN ZN C . -4.21 -3.08 -7.86
N LEU A 1 10.31 4.29 -1.82
CA LEU A 1 9.93 4.43 -0.40
C LEU A 1 8.46 4.81 -0.28
N THR A 2 7.60 3.82 -0.01
CA THR A 2 6.17 4.04 0.13
C THR A 2 5.53 2.99 1.04
N CYS A 3 4.56 3.45 1.83
CA CYS A 3 3.88 2.67 2.84
C CYS A 3 2.95 1.64 2.20
N PHE A 4 3.13 0.38 2.62
CA PHE A 4 2.36 -0.77 2.15
C PHE A 4 1.18 -1.05 3.08
N ASN A 5 0.58 0.01 3.66
CA ASN A 5 -0.49 -0.08 4.64
C ASN A 5 -1.48 1.07 4.43
N CYS A 6 -1.08 2.30 4.79
CA CYS A 6 -1.89 3.49 4.66
C CYS A 6 -1.78 4.07 3.23
N GLY A 7 -0.71 3.69 2.51
CA GLY A 7 -0.51 4.06 1.11
C GLY A 7 0.22 5.37 0.88
N LYS A 8 0.77 6.00 1.92
CA LYS A 8 1.40 7.30 1.86
C LYS A 8 2.90 7.16 1.58
N PRO A 9 3.41 7.77 0.50
CA PRO A 9 4.84 7.80 0.21
C PRO A 9 5.66 8.50 1.31
N GLY A 10 6.97 8.26 1.31
CA GLY A 10 7.91 8.92 2.21
C GLY A 10 8.19 8.11 3.48
N HIS A 11 7.52 6.98 3.67
CA HIS A 11 7.78 6.07 4.77
C HIS A 11 7.34 4.66 4.38
N THR A 12 7.50 3.73 5.31
CA THR A 12 7.22 2.30 5.12
C THR A 12 6.21 1.84 6.16
N ALA A 13 5.43 0.81 5.83
CA ALA A 13 4.45 0.22 6.75
C ALA A 13 5.06 -0.23 8.07
N ARG A 14 6.34 -0.61 8.03
CA ARG A 14 7.11 -0.98 9.22
C ARG A 14 7.14 0.17 10.23
N MET A 15 7.37 1.37 9.69
CA MET A 15 7.45 2.61 10.45
C MET A 15 6.06 3.11 10.83
N CYS A 16 5.10 2.95 9.91
CA CYS A 16 3.74 3.44 10.01
C CYS A 16 3.01 2.94 11.26
N ARG A 17 2.22 3.85 11.84
CA ARG A 17 1.34 3.62 12.97
C ARG A 17 -0.13 3.66 12.52
N GLN A 18 -0.44 4.45 11.49
CA GLN A 18 -1.75 4.68 10.95
C GLN A 18 -2.42 3.37 10.51
N PRO A 19 -3.76 3.35 10.51
CA PRO A 19 -4.58 2.24 10.03
C PRO A 19 -4.28 1.93 8.57
N ARG A 20 -4.67 0.73 8.12
CA ARG A 20 -4.54 0.32 6.73
C ARG A 20 -5.57 1.02 5.83
N GLN A 21 -5.46 0.75 4.54
CA GLN A 21 -6.36 1.22 3.50
C GLN A 21 -7.35 0.08 3.18
N GLU A 22 -8.54 0.44 2.70
CA GLU A 22 -9.63 -0.47 2.38
C GLU A 22 -9.15 -1.62 1.47
N GLY A 23 -8.38 -1.28 0.43
CA GLY A 23 -7.87 -2.24 -0.52
C GLY A 23 -6.58 -1.76 -1.18
N CYS A 24 -6.57 -1.73 -2.51
CA CYS A 24 -5.45 -1.41 -3.36
C CYS A 24 -5.24 0.09 -3.34
N TRP A 25 -4.38 0.55 -2.42
CA TRP A 25 -4.09 1.95 -2.19
C TRP A 25 -3.35 2.59 -3.38
N ASN A 26 -2.58 1.76 -4.06
CA ASN A 26 -1.67 1.98 -5.15
C ASN A 26 -2.42 2.10 -6.48
N CYS A 27 -3.30 1.13 -6.81
CA CYS A 27 -4.06 1.09 -8.06
C CYS A 27 -5.44 1.74 -7.90
N GLY A 28 -5.94 1.84 -6.66
CA GLY A 28 -7.20 2.52 -6.35
C GLY A 28 -8.43 1.62 -6.31
N SER A 29 -8.25 0.30 -6.46
CA SER A 29 -9.32 -0.68 -6.34
C SER A 29 -9.55 -0.94 -4.86
N LYS A 30 -10.77 -1.31 -4.49
CA LYS A 30 -11.17 -1.67 -3.15
C LYS A 30 -11.45 -3.18 -3.03
N GLU A 31 -11.68 -3.83 -4.18
CA GLU A 31 -12.01 -5.21 -4.35
C GLU A 31 -10.86 -6.10 -3.87
N HIS A 32 -9.64 -5.71 -4.24
CA HIS A 32 -8.40 -6.34 -3.80
C HIS A 32 -7.45 -5.31 -3.21
N ARG A 33 -6.24 -5.79 -2.93
CA ARG A 33 -5.16 -5.08 -2.26
C ARG A 33 -3.89 -5.03 -3.11
N PHE A 34 -2.95 -4.15 -2.74
CA PHE A 34 -1.68 -3.97 -3.44
C PHE A 34 -0.89 -5.28 -3.52
N ALA A 35 -0.89 -6.08 -2.44
CA ALA A 35 -0.24 -7.39 -2.41
C ALA A 35 -0.76 -8.32 -3.51
N GLN A 36 -2.08 -8.31 -3.73
CA GLN A 36 -2.76 -9.09 -4.75
C GLN A 36 -2.48 -8.54 -6.15
N CYS A 37 -2.49 -7.21 -6.27
CA CYS A 37 -2.35 -6.50 -7.54
C CYS A 37 -0.94 -6.66 -8.10
N PRO A 38 -0.80 -6.84 -9.43
CA PRO A 38 0.49 -6.89 -10.10
C PRO A 38 1.34 -5.65 -9.79
N LYS A 39 0.68 -4.48 -9.71
CA LYS A 39 1.27 -3.21 -9.33
C LYS A 39 1.19 -3.01 -7.82
ZN ZN B . 1.76 4.61 6.38
ZN ZN C . -4.88 -3.12 -7.70
N LEU A 1 11.87 3.29 -3.12
CA LEU A 1 11.42 3.50 -1.74
C LEU A 1 9.94 3.84 -1.70
N THR A 2 9.09 2.90 -1.27
CA THR A 2 7.67 3.15 -1.09
C THR A 2 7.09 2.22 -0.02
N CYS A 3 6.16 2.77 0.76
CA CYS A 3 5.47 2.06 1.82
C CYS A 3 4.51 1.03 1.22
N PHE A 4 4.78 -0.26 1.45
CA PHE A 4 4.01 -1.37 0.99
C PHE A 4 2.64 -1.51 1.69
N ASN A 5 2.40 -0.70 2.73
CA ASN A 5 1.23 -0.72 3.58
C ASN A 5 0.26 0.35 3.06
N CYS A 6 0.60 1.62 3.31
CA CYS A 6 -0.24 2.77 3.01
C CYS A 6 0.00 3.32 1.59
N GLY A 7 1.11 2.92 0.94
CA GLY A 7 1.39 3.31 -0.44
C GLY A 7 2.10 4.64 -0.60
N LYS A 8 2.49 5.29 0.51
CA LYS A 8 3.06 6.61 0.48
C LYS A 8 4.59 6.46 0.32
N PRO A 9 5.22 7.26 -0.56
CA PRO A 9 6.65 7.23 -0.73
C PRO A 9 7.35 7.92 0.44
N GLY A 10 8.68 7.82 0.46
CA GLY A 10 9.52 8.45 1.47
C GLY A 10 9.74 7.55 2.69
N HIS A 11 9.13 6.36 2.71
CA HIS A 11 9.35 5.39 3.75
C HIS A 11 9.00 3.99 3.26
N THR A 12 9.07 3.07 4.21
CA THR A 12 8.77 1.66 4.04
C THR A 12 7.72 1.26 5.07
N ALA A 13 6.94 0.22 4.77
CA ALA A 13 5.92 -0.30 5.67
C ALA A 13 6.48 -0.68 7.04
N ARG A 14 7.76 -1.07 7.07
CA ARG A 14 8.50 -1.37 8.28
C ARG A 14 8.40 -0.22 9.27
N MET A 15 8.59 0.99 8.74
CA MET A 15 8.61 2.24 9.49
C MET A 15 7.20 2.76 9.77
N CYS A 16 6.26 2.48 8.86
CA CYS A 16 4.90 2.99 8.92
C CYS A 16 4.05 2.32 9.99
N ARG A 17 3.47 3.14 10.86
CA ARG A 17 2.53 2.76 11.90
C ARG A 17 1.09 2.74 11.37
N GLN A 18 0.81 3.56 10.35
CA GLN A 18 -0.50 3.78 9.78
C GLN A 18 -1.12 2.47 9.28
N PRO A 19 -2.46 2.35 9.25
CA PRO A 19 -3.17 1.22 8.68
C PRO A 19 -2.81 1.08 7.20
N ARG A 20 -3.06 -0.09 6.59
CA ARG A 20 -2.83 -0.28 5.17
C ARG A 20 -4.00 0.25 4.33
N GLN A 21 -3.86 0.07 3.01
CA GLN A 21 -4.86 0.41 2.02
C GLN A 21 -5.92 -0.68 1.95
N GLU A 22 -7.16 -0.26 1.68
CA GLU A 22 -8.31 -1.12 1.48
C GLU A 22 -7.95 -2.28 0.55
N GLY A 23 -7.56 -1.93 -0.68
CA GLY A 23 -7.10 -2.83 -1.70
C GLY A 23 -5.67 -2.50 -2.11
N CYS A 24 -5.49 -2.20 -3.40
CA CYS A 24 -4.22 -1.95 -4.05
C CYS A 24 -3.95 -0.46 -4.09
N TRP A 25 -2.91 -0.01 -3.38
CA TRP A 25 -2.47 1.37 -3.40
C TRP A 25 -1.66 1.68 -4.66
N ASN A 26 -1.07 0.66 -5.28
CA ASN A 26 -0.17 0.78 -6.42
C ASN A 26 -0.93 1.17 -7.68
N CYS A 27 -2.05 0.49 -7.94
CA CYS A 27 -2.89 0.73 -9.09
C CYS A 27 -4.25 1.35 -8.73
N GLY A 28 -4.65 1.28 -7.45
CA GLY A 28 -5.87 1.93 -6.98
C GLY A 28 -7.12 1.06 -7.11
N SER A 29 -6.96 -0.27 -7.08
CA SER A 29 -8.06 -1.22 -7.09
C SER A 29 -8.51 -1.48 -5.65
N LYS A 30 -9.70 -2.06 -5.52
CA LYS A 30 -10.31 -2.51 -4.29
C LYS A 30 -10.42 -4.04 -4.25
N GLU A 31 -10.35 -4.69 -5.41
CA GLU A 31 -10.54 -6.09 -5.62
C GLU A 31 -9.38 -6.90 -5.04
N HIS A 32 -8.15 -6.46 -5.33
CA HIS A 32 -6.91 -7.03 -4.82
C HIS A 32 -6.09 -5.97 -4.13
N ARG A 33 -4.88 -6.37 -3.76
CA ARG A 33 -3.88 -5.57 -3.10
C ARG A 33 -2.55 -5.54 -3.85
N PHE A 34 -1.69 -4.63 -3.40
CA PHE A 34 -0.42 -4.34 -4.05
C PHE A 34 0.44 -5.60 -4.22
N ALA A 35 0.47 -6.46 -3.19
CA ALA A 35 1.21 -7.72 -3.23
C ALA A 35 0.79 -8.59 -4.41
N GLN A 36 -0.52 -8.64 -4.67
CA GLN A 36 -1.14 -9.43 -5.72
C GLN A 36 -1.00 -8.78 -7.09
N CYS A 37 -1.01 -7.45 -7.15
CA CYS A 37 -1.00 -6.69 -8.39
C CYS A 37 0.27 -6.95 -9.21
N PRO A 38 0.15 -7.20 -10.52
CA PRO A 38 1.29 -7.36 -11.41
C PRO A 38 1.93 -6.01 -11.75
N LYS A 39 1.13 -4.95 -11.72
CA LYS A 39 1.53 -3.61 -12.13
C LYS A 39 2.73 -3.09 -11.33
ZN ZN B . 3.18 4.11 5.14
ZN ZN C . -3.33 -3.35 -8.40
N LEU A 1 11.80 3.59 -2.31
CA LEU A 1 11.38 3.75 -0.90
C LEU A 1 9.88 4.06 -0.83
N THR A 2 9.04 3.02 -0.77
CA THR A 2 7.59 3.13 -0.80
C THR A 2 6.97 2.25 0.28
N CYS A 3 5.94 2.80 0.93
CA CYS A 3 5.19 2.13 1.96
C CYS A 3 4.27 1.08 1.34
N PHE A 4 4.36 -0.15 1.85
CA PHE A 4 3.57 -1.29 1.41
C PHE A 4 2.38 -1.50 2.34
N ASN A 5 1.77 -0.40 2.82
CA ASN A 5 0.68 -0.41 3.80
C ASN A 5 -0.29 0.72 3.46
N CYS A 6 0.12 1.98 3.68
CA CYS A 6 -0.68 3.16 3.38
C CYS A 6 -0.44 3.64 1.94
N GLY A 7 0.67 3.21 1.32
CA GLY A 7 0.96 3.49 -0.08
C GLY A 7 1.75 4.78 -0.33
N LYS A 8 2.16 5.50 0.71
CA LYS A 8 2.81 6.77 0.59
C LYS A 8 4.32 6.57 0.43
N PRO A 9 4.99 7.35 -0.43
CA PRO A 9 6.43 7.26 -0.62
C PRO A 9 7.18 7.92 0.54
N GLY A 10 8.50 7.73 0.57
CA GLY A 10 9.41 8.37 1.51
C GLY A 10 9.60 7.54 2.78
N HIS A 11 8.93 6.39 2.90
CA HIS A 11 9.12 5.47 4.00
C HIS A 11 8.67 4.08 3.57
N THR A 12 8.78 3.12 4.49
CA THR A 12 8.44 1.72 4.30
C THR A 12 7.35 1.32 5.30
N ALA A 13 6.57 0.30 4.98
CA ALA A 13 5.54 -0.20 5.87
C ALA A 13 6.07 -0.59 7.25
N ARG A 14 7.34 -1.01 7.29
CA ARG A 14 8.05 -1.33 8.52
C ARG A 14 8.02 -0.14 9.48
N MET A 15 8.30 1.02 8.92
CA MET A 15 8.38 2.29 9.63
C MET A 15 6.99 2.84 9.92
N CYS A 16 6.08 2.67 8.95
CA CYS A 16 4.73 3.23 9.00
C CYS A 16 3.88 2.65 10.11
N ARG A 17 3.28 3.55 10.89
CA ARG A 17 2.32 3.28 11.95
C ARG A 17 0.88 3.43 11.45
N GLN A 18 0.70 4.23 10.38
CA GLN A 18 -0.58 4.60 9.79
C GLN A 18 -1.42 3.37 9.43
N PRO A 19 -2.74 3.53 9.34
CA PRO A 19 -3.68 2.52 8.90
C PRO A 19 -3.30 1.95 7.53
N ARG A 20 -3.72 0.72 7.27
CA ARG A 20 -3.49 0.04 6.01
C ARG A 20 -4.57 0.40 4.99
N GLN A 21 -4.44 -0.15 3.79
CA GLN A 21 -5.40 -0.05 2.71
C GLN A 21 -5.86 -1.45 2.35
N GLU A 22 -7.16 -1.55 2.12
CA GLU A 22 -7.93 -2.73 1.87
C GLU A 22 -7.87 -3.15 0.41
N GLY A 23 -8.04 -2.18 -0.48
CA GLY A 23 -7.89 -2.36 -1.91
C GLY A 23 -6.41 -2.23 -2.27
N CYS A 24 -6.17 -1.83 -3.51
CA CYS A 24 -4.84 -1.64 -4.07
C CYS A 24 -4.52 -0.16 -3.98
N TRP A 25 -3.58 0.21 -3.10
CA TRP A 25 -3.19 1.59 -2.89
C TRP A 25 -2.44 2.15 -4.10
N ASN A 26 -1.74 1.27 -4.79
CA ASN A 26 -0.86 1.59 -5.90
C ASN A 26 -1.69 1.95 -7.12
N CYS A 27 -2.46 0.96 -7.56
CA CYS A 27 -3.24 1.04 -8.78
C CYS A 27 -4.67 1.56 -8.56
N GLY A 28 -5.13 1.62 -7.30
CA GLY A 28 -6.42 2.21 -6.95
C GLY A 28 -7.62 1.25 -7.06
N SER A 29 -7.36 -0.06 -7.18
CA SER A 29 -8.41 -1.07 -7.19
C SER A 29 -9.03 -1.23 -5.80
N LYS A 30 -10.14 -1.95 -5.77
CA LYS A 30 -10.90 -2.37 -4.62
C LYS A 30 -10.96 -3.89 -4.50
N GLU A 31 -10.76 -4.58 -5.63
CA GLU A 31 -10.87 -6.01 -5.81
C GLU A 31 -9.73 -6.73 -5.09
N HIS A 32 -8.52 -6.24 -5.33
CA HIS A 32 -7.27 -6.83 -4.85
C HIS A 32 -6.40 -5.77 -4.17
N ARG A 33 -5.25 -6.21 -3.67
CA ARG A 33 -4.28 -5.41 -2.93
C ARG A 33 -2.97 -5.28 -3.70
N PHE A 34 -2.13 -4.34 -3.28
CA PHE A 34 -0.87 -4.03 -3.93
C PHE A 34 0.03 -5.27 -4.03
N ALA A 35 0.07 -6.09 -2.98
CA ALA A 35 0.81 -7.35 -2.96
C ALA A 35 0.40 -8.28 -4.11
N GLN A 36 -0.91 -8.35 -4.38
CA GLN A 36 -1.50 -9.14 -5.45
C GLN A 36 -1.21 -8.54 -6.82
N CYS A 37 -1.30 -7.20 -6.90
CA CYS A 37 -1.18 -6.45 -8.13
C CYS A 37 0.24 -6.59 -8.72
N PRO A 38 0.37 -6.85 -10.04
CA PRO A 38 1.66 -6.88 -10.72
C PRO A 38 2.44 -5.58 -10.53
N LYS A 39 1.71 -4.46 -10.52
CA LYS A 39 2.22 -3.12 -10.27
C LYS A 39 2.32 -2.86 -8.76
ZN ZN B . 2.92 4.29 5.25
ZN ZN C . -3.65 -3.08 -8.28
N LEU A 1 11.64 3.17 -2.58
CA LEU A 1 11.23 3.48 -1.19
C LEU A 1 9.77 3.91 -1.15
N THR A 2 8.86 2.98 -0.82
CA THR A 2 7.45 3.30 -0.64
C THR A 2 6.80 2.37 0.36
N CYS A 3 5.83 2.92 1.09
CA CYS A 3 5.14 2.25 2.15
C CYS A 3 4.17 1.20 1.59
N PHE A 4 4.35 -0.05 2.02
CA PHE A 4 3.55 -1.19 1.60
C PHE A 4 2.34 -1.37 2.52
N ASN A 5 1.80 -0.26 3.06
CA ASN A 5 0.72 -0.26 4.04
C ASN A 5 -0.26 0.87 3.70
N CYS A 6 0.15 2.13 3.91
CA CYS A 6 -0.63 3.31 3.61
C CYS A 6 -0.43 3.78 2.16
N GLY A 7 0.59 3.24 1.47
CA GLY A 7 0.84 3.50 0.06
C GLY A 7 1.53 4.82 -0.26
N LYS A 8 2.16 5.46 0.72
CA LYS A 8 2.77 6.75 0.61
C LYS A 8 4.29 6.60 0.45
N PRO A 9 4.88 7.11 -0.63
CA PRO A 9 6.33 7.13 -0.83
C PRO A 9 7.08 7.89 0.26
N GLY A 10 8.39 7.65 0.35
CA GLY A 10 9.29 8.36 1.26
C GLY A 10 9.55 7.62 2.56
N HIS A 11 8.83 6.51 2.81
CA HIS A 11 9.05 5.65 3.96
C HIS A 11 8.57 4.24 3.62
N THR A 12 8.70 3.33 4.59
CA THR A 12 8.41 1.91 4.45
C THR A 12 7.34 1.51 5.47
N ALA A 13 6.57 0.45 5.17
CA ALA A 13 5.58 -0.11 6.09
C ALA A 13 6.18 -0.49 7.43
N ARG A 14 7.46 -0.88 7.43
CA ARG A 14 8.25 -1.18 8.62
C ARG A 14 8.19 -0.02 9.60
N MET A 15 8.36 1.19 9.05
CA MET A 15 8.40 2.45 9.76
C MET A 15 7.01 2.99 10.05
N CYS A 16 6.05 2.68 9.16
CA CYS A 16 4.70 3.21 9.24
C CYS A 16 3.90 2.66 10.42
N ARG A 17 3.38 3.58 11.24
CA ARG A 17 2.51 3.29 12.37
C ARG A 17 1.05 3.17 11.90
N GLN A 18 0.67 4.02 10.94
CA GLN A 18 -0.68 4.17 10.43
C GLN A 18 -1.32 2.85 9.96
N PRO A 19 -2.65 2.75 10.02
CA PRO A 19 -3.42 1.61 9.49
C PRO A 19 -3.13 1.40 8.00
N ARG A 20 -3.46 0.21 7.49
CA ARG A 20 -3.30 -0.12 6.08
C ARG A 20 -4.45 0.45 5.24
N GLN A 21 -4.35 0.22 3.94
CA GLN A 21 -5.37 0.55 2.94
C GLN A 21 -6.02 -0.76 2.53
N GLU A 22 -7.34 -0.71 2.35
CA GLU A 22 -8.22 -1.80 2.08
C GLU A 22 -7.78 -2.62 0.88
N GLY A 23 -7.86 -2.01 -0.30
CA GLY A 23 -7.55 -2.61 -1.58
C GLY A 23 -6.13 -2.29 -2.03
N CYS A 24 -5.96 -2.10 -3.33
CA CYS A 24 -4.68 -1.82 -3.98
C CYS A 24 -4.42 -0.32 -3.91
N TRP A 25 -3.55 0.07 -2.98
CA TRP A 25 -3.14 1.46 -2.80
C TRP A 25 -2.31 1.95 -3.98
N ASN A 26 -1.61 1.02 -4.64
CA ASN A 26 -0.66 1.28 -5.71
C ASN A 26 -1.38 1.68 -6.99
N CYS A 27 -2.33 0.84 -7.42
CA CYS A 27 -3.04 1.00 -8.67
C CYS A 27 -4.45 1.56 -8.47
N GLY A 28 -4.98 1.52 -7.24
CA GLY A 28 -6.26 2.13 -6.90
C GLY A 28 -7.47 1.24 -7.17
N SER A 29 -7.27 -0.08 -7.20
CA SER A 29 -8.33 -1.06 -7.34
C SER A 29 -8.85 -1.45 -5.96
N LYS A 30 -10.09 -1.90 -5.91
CA LYS A 30 -10.80 -2.34 -4.72
C LYS A 30 -10.87 -3.87 -4.63
N GLU A 31 -10.86 -4.54 -5.79
CA GLU A 31 -11.03 -5.97 -5.93
C GLU A 31 -9.86 -6.72 -5.30
N HIS A 32 -8.64 -6.26 -5.61
CA HIS A 32 -7.40 -6.85 -5.14
C HIS A 32 -6.56 -5.80 -4.40
N ARG A 33 -5.40 -6.23 -3.92
CA ARG A 33 -4.45 -5.44 -3.16
C ARG A 33 -3.10 -5.35 -3.85
N PHE A 34 -2.23 -4.50 -3.30
CA PHE A 34 -0.93 -4.20 -3.88
C PHE A 34 -0.09 -5.47 -3.99
N ALA A 35 -0.12 -6.27 -2.93
CA ALA A 35 0.55 -7.57 -2.87
C ALA A 35 0.16 -8.47 -4.05
N GLN A 36 -1.12 -8.44 -4.43
CA GLN A 36 -1.69 -9.20 -5.51
C GLN A 36 -1.35 -8.61 -6.88
N CYS A 37 -1.35 -7.27 -6.96
CA CYS A 37 -1.12 -6.53 -8.19
C CYS A 37 0.33 -6.73 -8.65
N PRO A 38 0.59 -6.85 -9.96
CA PRO A 38 1.94 -6.93 -10.49
C PRO A 38 2.69 -5.62 -10.25
N LYS A 39 1.94 -4.52 -10.32
CA LYS A 39 2.38 -3.17 -10.04
C LYS A 39 2.56 -2.98 -8.52
ZN ZN B . 2.99 4.45 5.49
ZN ZN C . -3.61 -3.11 -8.38
N LEU A 1 11.94 3.23 -1.99
CA LEU A 1 11.52 3.47 -0.60
C LEU A 1 10.03 3.82 -0.56
N THR A 2 9.18 2.79 -0.64
CA THR A 2 7.73 2.94 -0.74
C THR A 2 7.05 2.12 0.35
N CYS A 3 6.00 2.71 0.93
CA CYS A 3 5.23 2.10 1.98
C CYS A 3 4.26 1.06 1.40
N PHE A 4 4.39 -0.18 1.85
CA PHE A 4 3.60 -1.32 1.40
C PHE A 4 2.40 -1.53 2.32
N ASN A 5 1.80 -0.42 2.76
CA ASN A 5 0.70 -0.40 3.73
C ASN A 5 -0.24 0.76 3.40
N CYS A 6 0.21 2.01 3.61
CA CYS A 6 -0.57 3.22 3.38
C CYS A 6 -0.36 3.77 1.96
N GLY A 7 0.69 3.31 1.25
CA GLY A 7 0.94 3.66 -0.13
C GLY A 7 1.49 5.08 -0.32
N LYS A 8 2.26 5.56 0.65
CA LYS A 8 2.92 6.85 0.62
C LYS A 8 4.43 6.66 0.49
N PRO A 9 5.05 7.10 -0.62
CA PRO A 9 6.49 7.05 -0.81
C PRO A 9 7.24 7.83 0.28
N GLY A 10 8.55 7.56 0.41
CA GLY A 10 9.42 8.25 1.34
C GLY A 10 9.65 7.48 2.63
N HIS A 11 8.94 6.35 2.83
CA HIS A 11 9.13 5.47 3.97
C HIS A 11 8.63 4.08 3.59
N THR A 12 8.74 3.16 4.54
CA THR A 12 8.41 1.74 4.37
C THR A 12 7.34 1.35 5.39
N ALA A 13 6.55 0.31 5.08
CA ALA A 13 5.54 -0.23 5.97
C ALA A 13 6.11 -0.61 7.34
N ARG A 14 7.40 -1.00 7.36
CA ARG A 14 8.16 -1.29 8.57
C ARG A 14 8.09 -0.12 9.54
N MET A 15 8.28 1.07 9.00
CA MET A 15 8.33 2.33 9.71
C MET A 15 6.93 2.92 9.94
N CYS A 16 6.00 2.61 9.04
CA CYS A 16 4.66 3.17 9.04
C CYS A 16 3.84 2.72 10.26
N ARG A 17 3.20 3.70 10.90
CA ARG A 17 2.28 3.52 12.01
C ARG A 17 0.84 3.40 11.53
N GLN A 18 0.50 4.11 10.45
CA GLN A 18 -0.84 4.22 9.90
C GLN A 18 -1.45 2.88 9.50
N PRO A 19 -2.79 2.77 9.52
CA PRO A 19 -3.52 1.61 9.05
C PRO A 19 -3.18 1.27 7.59
N ARG A 20 -3.45 0.02 7.20
CA ARG A 20 -3.30 -0.45 5.84
C ARG A 20 -4.44 0.05 4.96
N GLN A 21 -4.34 -0.23 3.65
CA GLN A 21 -5.37 0.07 2.68
C GLN A 21 -6.27 -1.15 2.52
N GLU A 22 -7.55 -0.87 2.25
CA GLU A 22 -8.59 -1.84 2.00
C GLU A 22 -8.21 -2.72 0.80
N GLY A 23 -7.89 -2.05 -0.32
CA GLY A 23 -7.50 -2.66 -1.57
C GLY A 23 -6.12 -2.17 -2.00
N CYS A 24 -5.95 -2.03 -3.32
CA CYS A 24 -4.70 -1.68 -3.97
C CYS A 24 -4.50 -0.17 -3.89
N TRP A 25 -3.59 0.27 -3.02
CA TRP A 25 -3.23 1.66 -2.86
C TRP A 25 -2.47 2.17 -4.09
N ASN A 26 -1.76 1.27 -4.77
CA ASN A 26 -0.89 1.58 -5.88
C ASN A 26 -1.72 1.92 -7.11
N CYS A 27 -2.48 0.93 -7.54
CA CYS A 27 -3.27 0.98 -8.76
C CYS A 27 -4.69 1.48 -8.54
N GLY A 28 -5.17 1.53 -7.29
CA GLY A 28 -6.47 2.11 -6.95
C GLY A 28 -7.65 1.15 -7.14
N SER A 29 -7.38 -0.15 -7.28
CA SER A 29 -8.41 -1.18 -7.37
C SER A 29 -8.86 -1.56 -5.96
N LYS A 30 -10.12 -1.95 -5.83
CA LYS A 30 -10.76 -2.42 -4.64
C LYS A 30 -10.79 -3.95 -4.61
N GLU A 31 -10.77 -4.56 -5.79
CA GLU A 31 -10.89 -5.96 -6.10
C GLU A 31 -9.78 -6.74 -5.41
N HIS A 32 -8.56 -6.20 -5.49
CA HIS A 32 -7.36 -6.76 -4.89
C HIS A 32 -6.56 -5.67 -4.19
N ARG A 33 -5.37 -6.08 -3.76
CA ARG A 33 -4.42 -5.33 -2.97
C ARG A 33 -3.08 -5.18 -3.67
N PHE A 34 -2.26 -4.22 -3.24
CA PHE A 34 -0.96 -3.94 -3.84
C PHE A 34 -0.08 -5.19 -3.89
N ALA A 35 -0.05 -5.93 -2.78
CA ALA A 35 0.68 -7.19 -2.66
C ALA A 35 0.31 -8.20 -3.76
N GLN A 36 -0.96 -8.18 -4.19
CA GLN A 36 -1.50 -9.04 -5.23
C GLN A 36 -1.21 -8.48 -6.62
N CYS A 37 -1.26 -7.15 -6.75
CA CYS A 37 -1.13 -6.44 -8.01
C CYS A 37 0.30 -6.59 -8.56
N PRO A 38 0.46 -6.89 -9.87
CA PRO A 38 1.76 -6.93 -10.53
C PRO A 38 2.54 -5.62 -10.35
N LYS A 39 1.81 -4.50 -10.39
CA LYS A 39 2.32 -3.16 -10.16
C LYS A 39 2.36 -2.86 -8.65
ZN ZN B . 3.01 4.33 5.28
ZN ZN C . -3.62 -3.12 -8.30
N LEU A 1 10.74 4.25 -2.35
CA LEU A 1 10.32 4.40 -0.94
C LEU A 1 8.83 4.74 -0.86
N THR A 2 7.99 3.77 -0.52
CA THR A 2 6.57 4.00 -0.32
C THR A 2 5.98 2.98 0.66
N CYS A 3 5.04 3.45 1.47
CA CYS A 3 4.36 2.66 2.47
C CYS A 3 3.48 1.60 1.82
N PHE A 4 3.69 0.33 2.19
CA PHE A 4 2.97 -0.82 1.71
C PHE A 4 1.75 -1.12 2.59
N ASN A 5 1.14 -0.08 3.16
CA ASN A 5 0.03 -0.18 4.10
C ASN A 5 -0.97 0.94 3.78
N CYS A 6 -0.63 2.18 4.12
CA CYS A 6 -1.46 3.36 3.91
C CYS A 6 -1.24 3.98 2.53
N GLY A 7 -0.18 3.58 1.81
CA GLY A 7 0.08 4.02 0.44
C GLY A 7 0.64 5.43 0.33
N LYS A 8 1.17 5.98 1.42
CA LYS A 8 1.77 7.31 1.46
C LYS A 8 3.29 7.18 1.31
N PRO A 9 3.90 7.89 0.34
CA PRO A 9 5.35 7.94 0.20
C PRO A 9 6.04 8.52 1.43
N GLY A 10 7.38 8.51 1.40
CA GLY A 10 8.22 9.11 2.41
C GLY A 10 8.50 8.16 3.58
N HIS A 11 7.96 6.94 3.53
CA HIS A 11 8.24 5.89 4.50
C HIS A 11 7.93 4.53 3.92
N THR A 12 8.04 3.54 4.80
CA THR A 12 7.76 2.13 4.57
C THR A 12 6.73 1.67 5.60
N ALA A 13 5.96 0.64 5.27
CA ALA A 13 4.94 0.09 6.18
C ALA A 13 5.52 -0.32 7.53
N ARG A 14 6.80 -0.69 7.53
CA ARG A 14 7.55 -1.04 8.73
C ARG A 14 7.50 0.09 9.75
N MET A 15 7.70 1.31 9.25
CA MET A 15 7.71 2.53 10.03
C MET A 15 6.29 2.96 10.41
N CYS A 16 5.36 2.79 9.46
CA CYS A 16 3.99 3.24 9.59
C CYS A 16 3.24 2.53 10.71
N ARG A 17 2.68 3.33 11.63
CA ARG A 17 1.84 2.89 12.72
C ARG A 17 0.38 2.76 12.27
N GLN A 18 -0.01 3.55 11.26
CA GLN A 18 -1.37 3.66 10.76
C GLN A 18 -1.88 2.31 10.25
N PRO A 19 -3.22 2.11 10.20
CA PRO A 19 -3.82 0.92 9.62
C PRO A 19 -3.78 1.07 8.10
N ARG A 20 -4.15 -0.01 7.39
CA ARG A 20 -4.04 -0.03 5.93
C ARG A 20 -5.13 0.81 5.26
N GLN A 21 -5.13 0.76 3.93
CA GLN A 21 -6.11 1.33 3.04
C GLN A 21 -7.10 0.23 2.68
N GLU A 22 -8.35 0.60 2.44
CA GLU A 22 -9.49 -0.22 2.15
C GLU A 22 -9.13 -1.37 1.22
N GLY A 23 -8.64 -1.01 0.03
CA GLY A 23 -8.14 -1.94 -0.97
C GLY A 23 -6.77 -1.50 -1.47
N CYS A 24 -6.54 -1.68 -2.78
CA CYS A 24 -5.30 -1.41 -3.46
C CYS A 24 -5.08 0.11 -3.53
N TRP A 25 -4.19 0.60 -2.68
CA TRP A 25 -3.81 2.00 -2.62
C TRP A 25 -3.02 2.42 -3.85
N ASN A 26 -2.28 1.48 -4.44
CA ASN A 26 -1.39 1.71 -5.54
C ASN A 26 -2.17 1.88 -6.83
N CYS A 27 -2.94 0.85 -7.18
CA CYS A 27 -3.68 0.78 -8.44
C CYS A 27 -5.10 1.35 -8.31
N GLY A 28 -5.61 1.51 -7.08
CA GLY A 28 -6.89 2.16 -6.82
C GLY A 28 -8.10 1.22 -6.89
N SER A 29 -7.89 -0.10 -6.97
CA SER A 29 -8.96 -1.08 -6.94
C SER A 29 -9.39 -1.30 -5.49
N LYS A 30 -10.69 -1.48 -5.29
CA LYS A 30 -11.31 -1.83 -4.03
C LYS A 30 -11.58 -3.33 -3.92
N GLU A 31 -11.30 -4.09 -4.99
CA GLU A 31 -11.52 -5.52 -5.07
C GLU A 31 -10.47 -6.26 -4.25
N HIS A 32 -9.20 -5.91 -4.49
CA HIS A 32 -8.01 -6.52 -3.90
C HIS A 32 -7.12 -5.44 -3.29
N ARG A 33 -5.99 -5.87 -2.73
CA ARG A 33 -5.03 -5.03 -2.03
C ARG A 33 -3.71 -4.90 -2.80
N PHE A 34 -2.88 -3.94 -2.43
CA PHE A 34 -1.60 -3.71 -3.09
C PHE A 34 -0.71 -4.96 -3.03
N ALA A 35 -0.68 -5.60 -1.86
CA ALA A 35 0.02 -6.86 -1.64
C ALA A 35 -0.36 -7.92 -2.68
N GLN A 36 -1.65 -7.97 -3.03
CA GLN A 36 -2.21 -8.89 -4.01
C GLN A 36 -1.91 -8.44 -5.44
N CYS A 37 -1.93 -7.13 -5.69
CA CYS A 37 -1.77 -6.53 -7.00
C CYS A 37 -0.39 -6.83 -7.59
N PRO A 38 -0.31 -7.30 -8.84
CA PRO A 38 0.96 -7.50 -9.55
C PRO A 38 1.79 -6.21 -9.57
N LYS A 39 1.11 -5.09 -9.73
CA LYS A 39 1.63 -3.75 -9.80
C LYS A 39 1.70 -3.14 -8.39
ZN ZN B . 2.08 4.44 5.94
ZN ZN C . -4.24 -3.26 -7.60
N LEU A 1 10.04 4.47 -1.88
CA LEU A 1 9.67 4.59 -0.47
C LEU A 1 8.19 4.94 -0.34
N THR A 2 7.34 3.94 -0.09
CA THR A 2 5.92 4.16 0.14
C THR A 2 5.34 3.08 1.06
N CYS A 3 4.37 3.50 1.86
CA CYS A 3 3.72 2.70 2.88
C CYS A 3 2.81 1.64 2.25
N PHE A 4 3.12 0.36 2.47
CA PHE A 4 2.42 -0.79 2.00
C PHE A 4 1.20 -1.12 2.88
N ASN A 5 0.62 -0.11 3.54
CA ASN A 5 -0.48 -0.23 4.49
C ASN A 5 -1.50 0.87 4.19
N CYS A 6 -1.16 2.13 4.52
CA CYS A 6 -2.02 3.29 4.32
C CYS A 6 -1.85 3.91 2.92
N GLY A 7 -0.74 3.62 2.23
CA GLY A 7 -0.49 4.10 0.87
C GLY A 7 0.04 5.53 0.80
N LYS A 8 0.52 6.08 1.92
CA LYS A 8 1.12 7.40 1.95
C LYS A 8 2.63 7.25 1.68
N PRO A 9 3.20 8.07 0.79
CA PRO A 9 4.62 8.01 0.48
C PRO A 9 5.44 8.64 1.60
N GLY A 10 6.77 8.44 1.52
CA GLY A 10 7.73 9.06 2.43
C GLY A 10 7.99 8.22 3.68
N HIS A 11 7.34 7.05 3.80
CA HIS A 11 7.58 6.11 4.88
C HIS A 11 7.18 4.72 4.42
N THR A 12 7.37 3.75 5.32
CA THR A 12 7.12 2.33 5.06
C THR A 12 6.10 1.83 6.07
N ALA A 13 5.34 0.79 5.71
CA ALA A 13 4.35 0.20 6.58
C ALA A 13 4.92 -0.27 7.92
N ARG A 14 6.20 -0.65 7.91
CA ARG A 14 6.94 -1.04 9.10
C ARG A 14 6.90 0.06 10.15
N MET A 15 7.13 1.29 9.68
CA MET A 15 7.17 2.49 10.47
C MET A 15 5.75 2.96 10.83
N CYS A 16 4.84 2.84 9.87
CA CYS A 16 3.47 3.34 9.99
C CYS A 16 2.66 2.61 11.06
N ARG A 17 2.18 3.38 12.03
CA ARG A 17 1.29 2.93 13.10
C ARG A 17 -0.17 2.94 12.63
N GLN A 18 -0.48 3.80 11.64
CA GLN A 18 -1.84 4.02 11.15
C GLN A 18 -2.49 2.74 10.62
N PRO A 19 -3.84 2.72 10.59
CA PRO A 19 -4.63 1.66 10.01
C PRO A 19 -4.30 1.51 8.52
N ARG A 20 -4.75 0.40 7.91
CA ARG A 20 -4.59 0.19 6.48
C ARG A 20 -5.65 0.99 5.72
N GLN A 21 -5.53 0.99 4.39
CA GLN A 21 -6.41 1.71 3.49
C GLN A 21 -7.65 0.86 3.21
N GLU A 22 -8.64 1.45 2.52
CA GLU A 22 -9.89 0.80 2.16
C GLU A 22 -9.66 -0.51 1.40
N GLY A 23 -8.87 -0.44 0.32
CA GLY A 23 -8.51 -1.57 -0.52
C GLY A 23 -7.10 -1.40 -1.05
N CYS A 24 -6.96 -1.44 -2.39
CA CYS A 24 -5.70 -1.24 -3.07
C CYS A 24 -5.45 0.25 -3.15
N TRP A 25 -4.55 0.74 -2.30
CA TRP A 25 -4.21 2.15 -2.21
C TRP A 25 -3.47 2.61 -3.47
N ASN A 26 -2.75 1.69 -4.10
CA ASN A 26 -1.90 1.97 -5.25
C ASN A 26 -2.76 2.15 -6.48
N CYS A 27 -3.47 1.07 -6.82
CA CYS A 27 -4.25 0.99 -8.04
C CYS A 27 -5.67 1.55 -7.87
N GLY A 28 -6.13 1.71 -6.63
CA GLY A 28 -7.42 2.34 -6.33
C GLY A 28 -8.61 1.38 -6.36
N SER A 29 -8.37 0.07 -6.37
CA SER A 29 -9.41 -0.94 -6.28
C SER A 29 -9.90 -1.07 -4.85
N LYS A 30 -11.11 -1.61 -4.71
CA LYS A 30 -11.80 -1.88 -3.45
C LYS A 30 -11.84 -3.38 -3.17
N GLU A 31 -11.90 -4.20 -4.23
CA GLU A 31 -12.06 -5.64 -4.17
C GLU A 31 -10.86 -6.27 -3.46
N HIS A 32 -9.67 -5.84 -3.88
CA HIS A 32 -8.40 -6.32 -3.37
C HIS A 32 -7.58 -5.19 -2.78
N ARG A 33 -6.34 -5.55 -2.46
CA ARG A 33 -5.36 -4.73 -1.79
C ARG A 33 -4.02 -4.72 -2.53
N PHE A 34 -3.18 -3.73 -2.23
CA PHE A 34 -1.90 -3.52 -2.88
C PHE A 34 -1.02 -4.77 -2.81
N ALA A 35 -1.00 -5.41 -1.64
CA ALA A 35 -0.31 -6.68 -1.42
C ALA A 35 -0.65 -7.74 -2.47
N GLN A 36 -1.94 -7.80 -2.84
CA GLN A 36 -2.47 -8.71 -3.85
C GLN A 36 -2.17 -8.22 -5.27
N CYS A 37 -2.22 -6.91 -5.47
CA CYS A 37 -2.08 -6.27 -6.77
C CYS A 37 -0.67 -6.49 -7.35
N PRO A 38 -0.57 -6.93 -8.62
CA PRO A 38 0.71 -7.06 -9.32
C PRO A 38 1.48 -5.75 -9.33
N LYS A 39 0.75 -4.64 -9.44
CA LYS A 39 1.25 -3.27 -9.44
C LYS A 39 1.32 -2.75 -8.00
ZN ZN B . 1.52 4.54 6.35
ZN ZN C . -4.68 -3.04 -7.23
N LEU A 1 11.61 4.10 -2.31
CA LEU A 1 10.83 3.42 -1.26
C LEU A 1 9.38 3.88 -1.24
N THR A 2 8.46 2.97 -0.90
CA THR A 2 7.05 3.28 -0.77
C THR A 2 6.39 2.36 0.25
N CYS A 3 5.42 2.90 0.98
CA CYS A 3 4.73 2.22 2.05
C CYS A 3 3.74 1.20 1.51
N PHE A 4 3.98 -0.09 1.79
CA PHE A 4 3.17 -1.21 1.40
C PHE A 4 1.98 -1.43 2.34
N ASN A 5 1.55 -0.37 3.05
CA ASN A 5 0.50 -0.40 4.07
C ASN A 5 -0.51 0.69 3.76
N CYS A 6 -0.14 1.96 3.99
CA CYS A 6 -0.98 3.11 3.74
C CYS A 6 -0.84 3.61 2.29
N GLY A 7 0.21 3.19 1.58
CA GLY A 7 0.40 3.50 0.18
C GLY A 7 1.14 4.81 -0.12
N LYS A 8 1.70 5.48 0.88
CA LYS A 8 2.32 6.77 0.73
C LYS A 8 3.83 6.62 0.55
N PRO A 9 4.41 7.19 -0.54
CA PRO A 9 5.85 7.21 -0.74
C PRO A 9 6.59 7.94 0.39
N GLY A 10 7.91 7.77 0.44
CA GLY A 10 8.78 8.47 1.39
C GLY A 10 9.12 7.62 2.60
N HIS A 11 8.42 6.48 2.78
CA HIS A 11 8.71 5.53 3.83
C HIS A 11 8.35 4.13 3.36
N THR A 12 8.43 3.21 4.31
CA THR A 12 8.14 1.79 4.15
C THR A 12 7.13 1.37 5.22
N ALA A 13 6.34 0.34 4.93
CA ALA A 13 5.35 -0.20 5.85
C ALA A 13 5.95 -0.60 7.19
N ARG A 14 7.23 -1.00 7.18
CA ARG A 14 8.02 -1.33 8.36
C ARG A 14 7.97 -0.18 9.36
N MET A 15 8.15 1.03 8.84
CA MET A 15 8.21 2.27 9.59
C MET A 15 6.82 2.81 9.91
N CYS A 16 5.84 2.54 9.03
CA CYS A 16 4.50 3.09 9.14
C CYS A 16 3.66 2.42 10.23
N ARG A 17 3.06 3.27 11.07
CA ARG A 17 2.12 2.92 12.14
C ARG A 17 0.68 3.15 11.68
N GLN A 18 0.50 4.02 10.67
CA GLN A 18 -0.78 4.46 10.11
C GLN A 18 -1.67 3.28 9.73
N PRO A 19 -2.98 3.52 9.61
CA PRO A 19 -3.98 2.55 9.19
C PRO A 19 -3.58 1.77 7.95
N ARG A 20 -4.01 0.50 7.95
CA ARG A 20 -3.71 -0.51 6.98
C ARG A 20 -4.39 -0.30 5.62
N GLN A 21 -4.08 -1.21 4.71
CA GLN A 21 -4.54 -1.19 3.34
C GLN A 21 -6.01 -1.59 3.25
N GLU A 22 -6.73 -0.86 2.42
CA GLU A 22 -8.13 -1.06 2.09
C GLU A 22 -8.24 -2.00 0.89
N GLY A 23 -7.74 -1.52 -0.25
CA GLY A 23 -7.61 -2.22 -1.50
C GLY A 23 -6.28 -1.78 -2.12
N CYS A 24 -6.12 -1.99 -3.41
CA CYS A 24 -4.88 -1.72 -4.13
C CYS A 24 -4.61 -0.23 -4.15
N TRP A 25 -3.73 0.23 -3.27
CA TRP A 25 -3.34 1.63 -3.15
C TRP A 25 -2.51 2.07 -4.35
N ASN A 26 -1.81 1.12 -4.98
CA ASN A 26 -0.87 1.35 -6.06
C ASN A 26 -1.63 1.64 -7.35
N CYS A 27 -2.53 0.72 -7.74
CA CYS A 27 -3.25 0.79 -9.00
C CYS A 27 -4.66 1.39 -8.83
N GLY A 28 -5.18 1.42 -7.59
CA GLY A 28 -6.46 2.06 -7.29
C GLY A 28 -7.68 1.16 -7.49
N SER A 29 -7.48 -0.16 -7.41
CA SER A 29 -8.54 -1.15 -7.47
C SER A 29 -9.02 -1.48 -6.05
N LYS A 30 -10.31 -1.77 -5.93
CA LYS A 30 -10.95 -2.20 -4.70
C LYS A 30 -11.07 -3.73 -4.64
N GLU A 31 -10.98 -4.38 -5.80
CA GLU A 31 -11.15 -5.78 -6.04
C GLU A 31 -10.07 -6.59 -5.33
N HIS A 32 -8.83 -6.12 -5.45
CA HIS A 32 -7.64 -6.71 -4.86
C HIS A 32 -6.80 -5.65 -4.18
N ARG A 33 -5.59 -6.08 -3.80
CA ARG A 33 -4.61 -5.34 -3.06
C ARG A 33 -3.26 -5.27 -3.78
N PHE A 34 -2.40 -4.37 -3.32
CA PHE A 34 -1.12 -4.10 -3.94
C PHE A 34 -0.24 -5.35 -3.95
N ALA A 35 -0.24 -6.09 -2.84
CA ALA A 35 0.45 -7.37 -2.71
C ALA A 35 0.08 -8.34 -3.84
N GLN A 36 -1.19 -8.35 -4.23
CA GLN A 36 -1.74 -9.19 -5.29
C GLN A 36 -1.39 -8.63 -6.67
N CYS A 37 -1.41 -7.30 -6.81
CA CYS A 37 -1.23 -6.60 -8.07
C CYS A 37 0.19 -6.78 -8.61
N PRO A 38 0.35 -7.06 -9.92
CA PRO A 38 1.66 -7.13 -10.57
C PRO A 38 2.44 -5.82 -10.40
N LYS A 39 1.71 -4.70 -10.44
CA LYS A 39 2.23 -3.36 -10.22
C LYS A 39 2.45 -3.10 -8.73
ZN ZN B . 2.60 4.33 5.49
ZN ZN C . -3.83 -3.30 -8.40
N LEU A 1 12.21 4.41 -1.90
CA LEU A 1 11.39 3.62 -0.96
C LEU A 1 9.93 4.09 -0.93
N THR A 2 8.99 3.16 -0.77
CA THR A 2 7.58 3.49 -0.63
C THR A 2 6.89 2.49 0.29
N CYS A 3 5.89 2.99 1.01
CA CYS A 3 5.12 2.25 1.99
C CYS A 3 4.20 1.25 1.30
N PHE A 4 4.36 -0.03 1.64
CA PHE A 4 3.62 -1.15 1.08
C PHE A 4 2.34 -1.41 1.88
N ASN A 5 1.71 -0.34 2.38
CA ASN A 5 0.55 -0.41 3.25
C ASN A 5 -0.40 0.77 2.96
N CYS A 6 0.04 2.01 3.24
CA CYS A 6 -0.72 3.22 3.06
C CYS A 6 -0.42 3.86 1.69
N GLY A 7 0.73 3.53 1.09
CA GLY A 7 1.10 3.97 -0.25
C GLY A 7 1.60 5.41 -0.34
N LYS A 8 2.26 5.89 0.71
CA LYS A 8 2.89 7.19 0.73
C LYS A 8 4.41 6.97 0.61
N PRO A 9 5.04 7.42 -0.48
CA PRO A 9 6.48 7.35 -0.65
C PRO A 9 7.22 8.08 0.47
N GLY A 10 8.50 7.72 0.68
CA GLY A 10 9.36 8.35 1.68
C GLY A 10 9.58 7.48 2.90
N HIS A 11 8.76 6.43 3.08
CA HIS A 11 8.94 5.45 4.14
C HIS A 11 8.58 4.06 3.65
N THR A 12 8.49 3.15 4.61
CA THR A 12 8.22 1.74 4.42
C THR A 12 7.14 1.29 5.40
N ALA A 13 6.36 0.27 5.02
CA ALA A 13 5.31 -0.28 5.87
C ALA A 13 5.80 -0.70 7.24
N ARG A 14 7.07 -1.10 7.32
CA ARG A 14 7.76 -1.44 8.55
C ARG A 14 7.65 -0.30 9.56
N MET A 15 7.90 0.91 9.05
CA MET A 15 7.94 2.15 9.80
C MET A 15 6.56 2.75 10.00
N CYS A 16 5.64 2.50 9.06
CA CYS A 16 4.31 3.07 9.02
C CYS A 16 3.47 2.69 10.23
N ARG A 17 2.78 3.70 10.78
CA ARG A 17 1.84 3.56 11.89
C ARG A 17 0.45 3.20 11.35
N GLN A 18 0.05 3.86 10.26
CA GLN A 18 -1.25 3.74 9.61
C GLN A 18 -1.53 2.28 9.23
N PRO A 19 -2.80 1.85 9.35
CA PRO A 19 -3.24 0.51 8.99
C PRO A 19 -3.49 0.47 7.49
N ARG A 20 -3.82 -0.72 6.96
CA ARG A 20 -3.98 -0.93 5.53
C ARG A 20 -5.02 -0.04 4.87
N GLN A 21 -4.82 0.03 3.56
CA GLN A 21 -5.67 0.70 2.59
C GLN A 21 -6.90 -0.18 2.34
N GLU A 22 -7.88 0.36 1.62
CA GLU A 22 -9.07 -0.35 1.17
C GLU A 22 -8.66 -1.65 0.48
N GLY A 23 -7.71 -1.53 -0.45
CA GLY A 23 -7.11 -2.66 -1.14
C GLY A 23 -5.72 -2.27 -1.63
N CYS A 24 -5.62 -1.98 -2.93
CA CYS A 24 -4.40 -1.68 -3.65
C CYS A 24 -4.20 -0.17 -3.66
N TRP A 25 -3.23 0.30 -2.87
CA TRP A 25 -2.88 1.71 -2.79
C TRP A 25 -2.17 2.18 -4.06
N ASN A 26 -1.50 1.27 -4.77
CA ASN A 26 -0.70 1.60 -5.92
C ASN A 26 -1.60 1.86 -7.12
N CYS A 27 -2.45 0.87 -7.45
CA CYS A 27 -3.30 0.90 -8.62
C CYS A 27 -4.69 1.47 -8.32
N GLY A 28 -5.10 1.49 -7.04
CA GLY A 28 -6.34 2.11 -6.61
C GLY A 28 -7.55 1.18 -6.54
N SER A 29 -7.33 -0.14 -6.54
CA SER A 29 -8.38 -1.13 -6.36
C SER A 29 -8.70 -1.27 -4.87
N LYS A 30 -9.84 -1.87 -4.57
CA LYS A 30 -10.32 -2.22 -3.25
C LYS A 30 -10.42 -3.74 -3.12
N GLU A 31 -10.62 -4.41 -4.26
CA GLU A 31 -10.87 -5.81 -4.46
C GLU A 31 -9.66 -6.64 -4.08
N HIS A 32 -8.48 -6.21 -4.54
CA HIS A 32 -7.19 -6.81 -4.22
C HIS A 32 -6.24 -5.76 -3.66
N ARG A 33 -5.04 -6.20 -3.27
CA ARG A 33 -4.01 -5.39 -2.65
C ARG A 33 -2.75 -5.30 -3.50
N PHE A 34 -1.89 -4.32 -3.20
CA PHE A 34 -0.67 -4.06 -3.95
C PHE A 34 0.22 -5.31 -4.03
N ALA A 35 0.33 -6.03 -2.92
CA ALA A 35 1.04 -7.30 -2.85
C ALA A 35 0.57 -8.30 -3.93
N GLN A 36 -0.73 -8.34 -4.18
CA GLN A 36 -1.36 -9.18 -5.19
C GLN A 36 -1.14 -8.62 -6.60
N CYS A 37 -1.22 -7.29 -6.72
CA CYS A 37 -1.15 -6.57 -7.99
C CYS A 37 0.20 -6.78 -8.66
N PRO A 38 0.25 -6.97 -9.99
CA PRO A 38 1.50 -7.07 -10.74
C PRO A 38 2.25 -5.74 -10.71
N LYS A 39 1.49 -4.64 -10.73
CA LYS A 39 1.99 -3.28 -10.64
C LYS A 39 2.18 -2.89 -9.17
ZN ZN B . 2.75 4.21 5.28
ZN ZN C . -3.73 -3.21 -7.99
N LEU A 1 12.25 3.08 -1.18
CA LEU A 1 11.71 3.59 0.10
C LEU A 1 10.23 3.92 -0.06
N THR A 2 9.40 2.88 -0.20
CA THR A 2 7.98 2.98 -0.46
C THR A 2 7.19 2.19 0.57
N CYS A 3 6.08 2.76 1.03
CA CYS A 3 5.22 2.17 2.03
C CYS A 3 4.30 1.14 1.40
N PHE A 4 4.30 -0.07 1.98
CA PHE A 4 3.49 -1.19 1.55
C PHE A 4 2.32 -1.38 2.53
N ASN A 5 1.72 -0.27 2.96
CA ASN A 5 0.65 -0.24 3.95
C ASN A 5 -0.32 0.88 3.61
N CYS A 6 0.09 2.15 3.78
CA CYS A 6 -0.71 3.31 3.47
C CYS A 6 -0.52 3.72 2.00
N GLY A 7 0.64 3.39 1.42
CA GLY A 7 0.92 3.60 0.01
C GLY A 7 1.64 4.90 -0.33
N LYS A 8 2.21 5.59 0.67
CA LYS A 8 2.84 6.86 0.52
C LYS A 8 4.36 6.67 0.48
N PRO A 9 5.04 7.07 -0.62
CA PRO A 9 6.49 7.05 -0.72
C PRO A 9 7.17 7.87 0.38
N GLY A 10 8.47 7.67 0.57
CA GLY A 10 9.28 8.41 1.52
C GLY A 10 9.50 7.66 2.84
N HIS A 11 8.81 6.52 3.02
CA HIS A 11 9.00 5.64 4.17
C HIS A 11 8.55 4.25 3.79
N THR A 12 8.67 3.31 4.73
CA THR A 12 8.34 1.90 4.56
C THR A 12 7.26 1.51 5.57
N ALA A 13 6.50 0.45 5.27
CA ALA A 13 5.47 -0.07 6.16
C ALA A 13 6.00 -0.35 7.57
N ARG A 14 7.29 -0.71 7.67
CA ARG A 14 7.99 -0.91 8.92
C ARG A 14 7.89 0.32 9.80
N MET A 15 8.11 1.47 9.17
CA MET A 15 8.16 2.79 9.78
C MET A 15 6.76 3.39 9.96
N CYS A 16 5.84 3.02 9.06
CA CYS A 16 4.50 3.57 9.00
C CYS A 16 3.69 3.33 10.27
N ARG A 17 3.13 4.41 10.81
CA ARG A 17 2.24 4.40 11.96
C ARG A 17 0.81 4.03 11.55
N GLN A 18 0.38 4.51 10.37
CA GLN A 18 -0.98 4.36 9.88
C GLN A 18 -1.33 2.89 9.64
N PRO A 19 -2.63 2.56 9.67
CA PRO A 19 -3.13 1.22 9.40
C PRO A 19 -3.23 1.00 7.89
N ARG A 20 -3.19 -0.26 7.47
CA ARG A 20 -3.21 -0.70 6.09
C ARG A 20 -4.41 -0.18 5.32
N GLN A 21 -4.18 0.11 4.04
CA GLN A 21 -5.19 0.51 3.09
C GLN A 21 -6.00 -0.74 2.73
N GLU A 22 -7.26 -0.52 2.37
CA GLU A 22 -8.25 -1.49 2.04
C GLU A 22 -7.78 -2.41 0.92
N GLY A 23 -7.49 -1.82 -0.24
CA GLY A 23 -7.13 -2.53 -1.46
C GLY A 23 -5.80 -2.05 -2.05
N CYS A 24 -5.77 -2.00 -3.39
CA CYS A 24 -4.63 -1.69 -4.23
C CYS A 24 -4.39 -0.19 -4.15
N TRP A 25 -3.52 0.21 -3.23
CA TRP A 25 -3.20 1.61 -2.96
C TRP A 25 -2.47 2.26 -4.14
N ASN A 26 -1.73 1.43 -4.86
CA ASN A 26 -0.82 1.68 -5.95
C ASN A 26 -1.57 1.82 -7.28
N CYS A 27 -2.44 0.85 -7.62
CA CYS A 27 -3.22 0.83 -8.87
C CYS A 27 -4.59 1.49 -8.69
N GLY A 28 -5.08 1.57 -7.44
CA GLY A 28 -6.32 2.28 -7.12
C GLY A 28 -7.57 1.39 -7.14
N SER A 29 -7.43 0.07 -7.33
CA SER A 29 -8.53 -0.87 -7.27
C SER A 29 -8.81 -1.21 -5.82
N LYS A 30 -10.08 -1.42 -5.49
CA LYS A 30 -10.55 -1.80 -4.18
C LYS A 30 -10.77 -3.32 -4.07
N GLU A 31 -10.74 -4.03 -5.21
CA GLU A 31 -11.01 -5.42 -5.37
C GLU A 31 -9.91 -6.28 -4.76
N HIS A 32 -8.67 -5.96 -5.14
CA HIS A 32 -7.44 -6.62 -4.68
C HIS A 32 -6.51 -5.59 -4.09
N ARG A 33 -5.27 -6.04 -3.85
CA ARG A 33 -4.20 -5.31 -3.19
C ARG A 33 -2.94 -5.20 -4.06
N PHE A 34 -2.01 -4.36 -3.63
CA PHE A 34 -0.79 -4.05 -4.38
C PHE A 34 0.04 -5.31 -4.63
N ALA A 35 0.17 -6.14 -3.58
CA ALA A 35 0.88 -7.40 -3.62
C ALA A 35 0.35 -8.32 -4.74
N GLN A 36 -0.99 -8.43 -4.81
CA GLN A 36 -1.69 -9.22 -5.79
C GLN A 36 -1.50 -8.67 -7.20
N CYS A 37 -1.56 -7.34 -7.34
CA CYS A 37 -1.51 -6.65 -8.62
C CYS A 37 -0.17 -6.88 -9.31
N PRO A 38 -0.15 -7.06 -10.64
CA PRO A 38 1.08 -7.18 -11.40
C PRO A 38 1.84 -5.85 -11.37
N LYS A 39 1.08 -4.74 -11.41
CA LYS A 39 1.47 -3.35 -11.35
C LYS A 39 2.77 -2.99 -12.07
ZN ZN B . 2.87 4.44 5.24
ZN ZN C . -4.14 -3.30 -8.65
N LEU A 1 11.83 3.21 -3.19
CA LEU A 1 11.44 3.39 -1.77
C LEU A 1 9.98 3.79 -1.66
N THR A 2 9.10 2.85 -1.31
CA THR A 2 7.70 3.15 -1.08
C THR A 2 7.08 2.16 -0.09
N CYS A 3 6.20 2.69 0.76
CA CYS A 3 5.54 1.95 1.80
C CYS A 3 4.54 0.95 1.21
N PHE A 4 4.76 -0.34 1.43
CA PHE A 4 3.92 -1.40 0.90
C PHE A 4 2.55 -1.52 1.57
N ASN A 5 2.36 -0.86 2.73
CA ASN A 5 1.16 -0.89 3.53
C ASN A 5 0.20 0.19 3.04
N CYS A 6 0.60 1.45 3.27
CA CYS A 6 -0.19 2.63 2.99
C CYS A 6 0.05 3.19 1.58
N GLY A 7 1.10 2.74 0.89
CA GLY A 7 1.36 3.11 -0.50
C GLY A 7 1.97 4.49 -0.68
N LYS A 8 2.60 5.03 0.36
CA LYS A 8 3.12 6.36 0.36
C LYS A 8 4.65 6.30 0.25
N PRO A 9 5.27 7.12 -0.62
CA PRO A 9 6.69 7.08 -0.84
C PRO A 9 7.45 7.72 0.33
N GLY A 10 8.78 7.59 0.28
CA GLY A 10 9.67 8.18 1.27
C GLY A 10 9.87 7.27 2.48
N HIS A 11 9.25 6.08 2.48
CA HIS A 11 9.45 5.10 3.53
C HIS A 11 9.09 3.71 3.04
N THR A 12 9.12 2.78 3.99
CA THR A 12 8.84 1.36 3.84
C THR A 12 7.77 0.96 4.84
N ALA A 13 7.03 -0.13 4.59
CA ALA A 13 6.01 -0.63 5.50
C ALA A 13 6.57 -1.03 6.86
N ARG A 14 7.86 -1.37 6.88
CA ARG A 14 8.63 -1.69 8.08
C ARG A 14 8.39 -0.67 9.18
N MET A 15 8.51 0.61 8.80
CA MET A 15 8.41 1.74 9.71
C MET A 15 6.97 2.14 9.95
N CYS A 16 6.15 1.93 8.93
CA CYS A 16 4.77 2.36 8.90
C CYS A 16 3.88 1.65 9.91
N ARG A 17 3.41 2.40 10.92
CA ARG A 17 2.46 1.95 11.92
C ARG A 17 1.02 2.18 11.42
N GLN A 18 0.85 3.12 10.48
CA GLN A 18 -0.42 3.54 9.92
C GLN A 18 -1.25 2.37 9.39
N PRO A 19 -2.57 2.56 9.28
CA PRO A 19 -3.49 1.61 8.68
C PRO A 19 -3.11 1.33 7.22
N ARG A 20 -3.59 0.20 6.69
CA ARG A 20 -3.43 -0.16 5.29
C ARG A 20 -4.38 0.65 4.40
N GLN A 21 -4.35 0.31 3.12
CA GLN A 21 -5.21 0.83 2.08
C GLN A 21 -6.33 -0.19 1.91
N GLU A 22 -7.40 0.19 1.21
CA GLU A 22 -8.51 -0.64 0.85
C GLU A 22 -8.01 -1.96 0.28
N GLY A 23 -7.17 -1.86 -0.75
CA GLY A 23 -6.50 -3.00 -1.35
C GLY A 23 -5.20 -2.55 -2.00
N CYS A 24 -5.24 -2.36 -3.33
CA CYS A 24 -4.10 -2.04 -4.15
C CYS A 24 -3.92 -0.54 -4.28
N TRP A 25 -2.89 -0.01 -3.63
CA TRP A 25 -2.51 1.39 -3.73
C TRP A 25 -1.75 1.67 -5.02
N ASN A 26 -1.11 0.66 -5.61
CA ASN A 26 -0.25 0.76 -6.77
C ASN A 26 -1.06 1.02 -8.04
N CYS A 27 -2.09 0.20 -8.27
CA CYS A 27 -2.99 0.32 -9.40
C CYS A 27 -4.31 1.01 -9.03
N GLY A 28 -4.69 1.00 -7.76
CA GLY A 28 -5.87 1.70 -7.26
C GLY A 28 -7.09 0.80 -7.11
N SER A 29 -6.92 -0.53 -7.15
CA SER A 29 -8.00 -1.48 -6.91
C SER A 29 -8.19 -1.67 -5.40
N LYS A 30 -9.26 -2.39 -5.05
CA LYS A 30 -9.68 -2.69 -3.70
C LYS A 30 -9.83 -4.21 -3.51
N GLU A 31 -9.91 -4.95 -4.62
CA GLU A 31 -10.10 -6.37 -4.74
C GLU A 31 -8.91 -7.13 -4.14
N HIS A 32 -7.72 -6.77 -4.63
CA HIS A 32 -6.43 -7.33 -4.23
C HIS A 32 -5.56 -6.24 -3.65
N ARG A 33 -4.32 -6.62 -3.37
CA ARG A 33 -3.29 -5.76 -2.82
C ARG A 33 -2.11 -5.59 -3.78
N PHE A 34 -1.31 -4.56 -3.52
CA PHE A 34 -0.14 -4.19 -4.30
C PHE A 34 0.77 -5.40 -4.57
N ALA A 35 1.04 -6.21 -3.54
CA ALA A 35 1.89 -7.39 -3.65
C ALA A 35 1.37 -8.39 -4.69
N GLN A 36 0.04 -8.58 -4.71
CA GLN A 36 -0.65 -9.45 -5.63
C GLN A 36 -0.71 -8.89 -7.06
N CYS A 37 -0.73 -7.56 -7.18
CA CYS A 37 -0.88 -6.88 -8.45
C CYS A 37 0.28 -7.16 -9.41
N PRO A 38 0.00 -7.38 -10.71
CA PRO A 38 1.03 -7.55 -11.72
C PRO A 38 1.72 -6.21 -12.03
N LYS A 39 0.97 -5.11 -11.90
CA LYS A 39 1.42 -3.76 -12.21
C LYS A 39 2.58 -3.38 -11.30
ZN ZN B . 3.30 3.86 5.14
ZN ZN C . -3.46 -3.67 -8.39
N LEU A 1 11.42 3.28 -3.29
CA LEU A 1 11.09 3.47 -1.87
C LEU A 1 9.63 3.90 -1.71
N THR A 2 8.75 2.95 -1.38
CA THR A 2 7.36 3.25 -1.09
C THR A 2 6.78 2.26 -0.09
N CYS A 3 5.87 2.77 0.74
CA CYS A 3 5.22 2.02 1.79
C CYS A 3 4.28 0.97 1.21
N PHE A 4 4.49 -0.29 1.60
CA PHE A 4 3.75 -1.45 1.14
C PHE A 4 2.55 -1.71 2.06
N ASN A 5 1.92 -0.64 2.56
CA ASN A 5 0.84 -0.68 3.53
C ASN A 5 -0.12 0.47 3.24
N CYS A 6 0.31 1.70 3.56
CA CYS A 6 -0.46 2.91 3.38
C CYS A 6 -0.29 3.48 1.96
N GLY A 7 0.68 2.97 1.19
CA GLY A 7 0.88 3.34 -0.21
C GLY A 7 1.50 4.71 -0.42
N LYS A 8 2.09 5.30 0.63
CA LYS A 8 2.73 6.60 0.53
C LYS A 8 4.23 6.42 0.29
N PRO A 9 4.83 7.21 -0.61
CA PRO A 9 6.25 7.13 -0.91
C PRO A 9 7.09 7.77 0.21
N GLY A 10 8.41 7.60 0.09
CA GLY A 10 9.38 8.22 0.98
C GLY A 10 9.66 7.38 2.24
N HIS A 11 9.02 6.20 2.35
CA HIS A 11 9.27 5.28 3.44
C HIS A 11 8.87 3.88 3.02
N THR A 12 8.89 2.99 4.01
CA THR A 12 8.58 1.57 3.88
C THR A 12 7.57 1.19 4.98
N ALA A 13 6.76 0.15 4.74
CA ALA A 13 5.80 -0.36 5.70
C ALA A 13 6.44 -0.70 7.04
N ARG A 14 7.72 -1.11 7.01
CA ARG A 14 8.53 -1.37 8.19
C ARG A 14 8.48 -0.19 9.16
N MET A 15 8.65 0.99 8.57
CA MET A 15 8.76 2.27 9.26
C MET A 15 7.38 2.84 9.59
N CYS A 16 6.36 2.52 8.78
CA CYS A 16 5.02 3.06 8.90
C CYS A 16 4.30 2.57 10.15
N ARG A 17 3.39 3.42 10.62
CA ARG A 17 2.51 3.19 11.77
C ARG A 17 1.04 3.11 11.32
N GLN A 18 0.68 3.89 10.29
CA GLN A 18 -0.64 4.03 9.74
C GLN A 18 -1.27 2.68 9.39
N PRO A 19 -2.60 2.55 9.50
CA PRO A 19 -3.34 1.36 9.10
C PRO A 19 -3.14 1.05 7.62
N ARG A 20 -3.64 -0.11 7.20
CA ARG A 20 -3.46 -0.65 5.86
C ARG A 20 -4.54 -0.16 4.90
N GLN A 21 -4.37 -0.52 3.63
CA GLN A 21 -5.15 -0.16 2.49
C GLN A 21 -6.50 -0.88 2.45
N GLU A 22 -7.35 -0.42 1.53
CA GLU A 22 -8.63 -0.97 1.20
C GLU A 22 -8.41 -2.12 0.22
N GLY A 23 -7.77 -1.79 -0.91
CA GLY A 23 -7.37 -2.71 -1.96
C GLY A 23 -5.98 -2.32 -2.46
N CYS A 24 -5.82 -2.19 -3.77
CA CYS A 24 -4.55 -1.86 -4.39
C CYS A 24 -4.33 -0.35 -4.34
N TRP A 25 -3.40 0.08 -3.49
CA TRP A 25 -3.03 1.48 -3.36
C TRP A 25 -2.20 1.94 -4.56
N ASN A 26 -1.48 1.02 -5.20
CA ASN A 26 -0.54 1.29 -6.27
C ASN A 26 -1.25 1.61 -7.58
N CYS A 27 -2.15 0.70 -7.98
CA CYS A 27 -2.90 0.79 -9.20
C CYS A 27 -4.33 1.32 -9.00
N GLY A 28 -4.82 1.36 -7.75
CA GLY A 28 -6.12 1.95 -7.42
C GLY A 28 -7.29 0.97 -7.43
N SER A 29 -7.04 -0.33 -7.61
CA SER A 29 -8.05 -1.36 -7.58
C SER A 29 -8.63 -1.54 -6.17
N LYS A 30 -9.82 -2.10 -6.12
CA LYS A 30 -10.54 -2.48 -4.93
C LYS A 30 -10.69 -4.02 -4.89
N GLU A 31 -10.46 -4.70 -6.01
CA GLU A 31 -10.61 -6.11 -6.24
C GLU A 31 -9.51 -6.89 -5.53
N HIS A 32 -8.26 -6.45 -5.75
CA HIS A 32 -7.04 -7.04 -5.20
C HIS A 32 -6.24 -5.97 -4.47
N ARG A 33 -5.09 -6.37 -3.93
CA ARG A 33 -4.18 -5.54 -3.17
C ARG A 33 -2.83 -5.40 -3.87
N PHE A 34 -2.03 -4.41 -3.47
CA PHE A 34 -0.74 -4.13 -4.09
C PHE A 34 0.15 -5.37 -4.12
N ALA A 35 0.17 -6.16 -3.04
CA ALA A 35 0.92 -7.41 -2.96
C ALA A 35 0.56 -8.37 -4.10
N GLN A 36 -0.71 -8.40 -4.48
CA GLN A 36 -1.26 -9.23 -5.54
C GLN A 36 -1.02 -8.63 -6.92
N CYS A 37 -1.00 -7.30 -7.02
CA CYS A 37 -0.89 -6.57 -8.27
C CYS A 37 0.41 -6.90 -9.02
N PRO A 38 0.38 -7.03 -10.35
CA PRO A 38 1.58 -7.22 -11.14
C PRO A 38 2.41 -5.94 -11.13
N LYS A 39 1.72 -4.80 -11.11
CA LYS A 39 2.33 -3.47 -10.99
C LYS A 39 2.91 -3.29 -9.58
ZN ZN B . 3.16 4.12 5.18
ZN ZN C . -3.27 -3.30 -8.55
N LEU A 1 11.41 4.12 -2.85
CA LEU A 1 11.03 4.23 -1.42
C LEU A 1 9.55 4.57 -1.29
N THR A 2 8.70 3.56 -1.04
CA THR A 2 7.28 3.76 -0.87
C THR A 2 6.67 2.70 0.05
N CYS A 3 5.69 3.13 0.84
CA CYS A 3 5.05 2.31 1.85
C CYS A 3 4.16 1.25 1.21
N PHE A 4 4.43 -0.02 1.53
CA PHE A 4 3.69 -1.17 1.03
C PHE A 4 2.47 -1.49 1.91
N ASN A 5 1.88 -0.47 2.54
CA ASN A 5 0.79 -0.57 3.50
C ASN A 5 -0.22 0.53 3.22
N CYS A 6 0.14 1.76 3.60
CA CYS A 6 -0.68 2.95 3.45
C CYS A 6 -0.49 3.60 2.07
N GLY A 7 0.55 3.21 1.34
CA GLY A 7 0.79 3.65 -0.02
C GLY A 7 1.52 4.99 -0.15
N LYS A 8 1.92 5.61 0.96
CA LYS A 8 2.51 6.92 0.95
C LYS A 8 4.02 6.80 0.69
N PRO A 9 4.59 7.66 -0.16
CA PRO A 9 6.02 7.65 -0.44
C PRO A 9 6.82 8.25 0.71
N GLY A 10 8.14 8.09 0.63
CA GLY A 10 9.08 8.69 1.58
C GLY A 10 9.35 7.80 2.78
N HIS A 11 8.72 6.63 2.86
CA HIS A 11 8.95 5.65 3.90
C HIS A 11 8.53 4.27 3.40
N THR A 12 8.74 3.26 4.24
CA THR A 12 8.45 1.86 3.96
C THR A 12 7.44 1.35 4.98
N ALA A 13 6.69 0.31 4.62
CA ALA A 13 5.71 -0.29 5.52
C ALA A 13 6.34 -0.76 6.83
N ARG A 14 7.62 -1.12 6.78
CA ARG A 14 8.41 -1.50 7.94
C ARG A 14 8.37 -0.37 8.98
N MET A 15 8.56 0.85 8.48
CA MET A 15 8.61 2.07 9.26
C MET A 15 7.21 2.54 9.67
N CYS A 16 6.23 2.32 8.80
CA CYS A 16 4.86 2.80 8.97
C CYS A 16 4.09 2.05 10.05
N ARG A 17 3.46 2.83 10.92
CA ARG A 17 2.56 2.38 11.97
C ARG A 17 1.10 2.51 11.51
N GLN A 18 0.85 3.43 10.58
CA GLN A 18 -0.46 3.81 10.06
C GLN A 18 -1.26 2.61 9.55
N PRO A 19 -2.59 2.74 9.49
CA PRO A 19 -3.50 1.76 8.91
C PRO A 19 -3.12 1.50 7.45
N ARG A 20 -3.54 0.35 6.91
CA ARG A 20 -3.30 -0.01 5.54
C ARG A 20 -4.40 0.57 4.66
N GLN A 21 -4.18 0.51 3.34
CA GLN A 21 -5.17 0.89 2.35
C GLN A 21 -5.97 -0.36 2.08
N GLU A 22 -7.28 -0.19 1.95
CA GLU A 22 -8.23 -1.23 1.80
C GLU A 22 -7.95 -2.07 0.56
N GLY A 23 -7.92 -1.42 -0.60
CA GLY A 23 -7.59 -2.04 -1.87
C GLY A 23 -6.12 -1.82 -2.21
N CYS A 24 -5.86 -1.70 -3.52
CA CYS A 24 -4.54 -1.53 -4.10
C CYS A 24 -4.24 -0.04 -4.20
N TRP A 25 -3.32 0.44 -3.35
CA TRP A 25 -2.95 1.83 -3.29
C TRP A 25 -2.17 2.27 -4.53
N ASN A 26 -1.45 1.32 -5.13
CA ASN A 26 -0.57 1.56 -6.26
C ASN A 26 -1.37 1.73 -7.54
N CYS A 27 -2.17 0.72 -7.88
CA CYS A 27 -2.92 0.67 -9.12
C CYS A 27 -4.34 1.20 -8.97
N GLY A 28 -4.85 1.33 -7.74
CA GLY A 28 -6.15 1.95 -7.49
C GLY A 28 -7.35 1.00 -7.60
N SER A 29 -7.10 -0.32 -7.57
CA SER A 29 -8.15 -1.32 -7.57
C SER A 29 -8.71 -1.44 -6.15
N LYS A 30 -9.92 -2.00 -6.04
CA LYS A 30 -10.63 -2.28 -4.81
C LYS A 30 -10.69 -3.78 -4.52
N GLU A 31 -10.61 -4.61 -5.56
CA GLU A 31 -10.76 -6.05 -5.49
C GLU A 31 -9.60 -6.67 -4.72
N HIS A 32 -8.39 -6.26 -5.08
CA HIS A 32 -7.13 -6.75 -4.52
C HIS A 32 -6.33 -5.59 -3.94
N ARG A 33 -5.16 -5.92 -3.37
CA ARG A 33 -4.21 -4.99 -2.79
C ARG A 33 -2.85 -5.05 -3.48
N PHE A 34 -1.99 -4.10 -3.14
CA PHE A 34 -0.69 -3.92 -3.78
C PHE A 34 0.18 -5.18 -3.62
N ALA A 35 0.10 -5.85 -2.46
CA ALA A 35 0.79 -7.10 -2.21
C ALA A 35 0.46 -8.16 -3.27
N GLN A 36 -0.82 -8.22 -3.67
CA GLN A 36 -1.34 -9.12 -4.68
C GLN A 36 -1.00 -8.65 -6.09
N CYS A 37 -1.03 -7.32 -6.31
CA CYS A 37 -0.83 -6.70 -7.62
C CYS A 37 0.57 -7.01 -8.16
N PRO A 38 0.69 -7.33 -9.46
CA PRO A 38 1.99 -7.53 -10.09
C PRO A 38 2.74 -6.21 -10.20
N LYS A 39 1.98 -5.12 -10.38
CA LYS A 39 2.47 -3.75 -10.42
C LYS A 39 2.61 -3.22 -8.99
ZN ZN B . 2.88 4.13 5.40
ZN ZN C . -3.33 -3.40 -8.19
#